data_1QOR
#
_entry.id   1QOR
#
_cell.length_a   107.440
_cell.length_b   104.060
_cell.length_c   77.450
_cell.angle_alpha   90.00
_cell.angle_beta   90.00
_cell.angle_gamma   90.00
#
_symmetry.space_group_name_H-M   'P 21 21 21'
#
loop_
_entity.id
_entity.type
_entity.pdbx_description
1 polymer 'QUINONE OXIDOREDUCTASE'
2 non-polymer 'SULFATE ION'
3 non-polymer 'NADPH DIHYDRO-NICOTINAMIDE-ADENINE-DINUCLEOTIDE PHOSPHATE'
4 water water
#
_entity_poly.entity_id   1
_entity_poly.type   'polypeptide(L)'
_entity_poly.pdbx_seq_one_letter_code
;MATRIEFHKHGGPEVLQAVEFTPADPAENEIQVENKAIGINFIDTYIRSGLYPPPSLPSGLGTEAAGIVSKVGSGVKHIK
AGDRVVYAQSALGAYSSVHNIIADKAAILPAAISFEQAAASFLKGLTVYYLLRKTYEIKPDEQFLFHAAAGGVGLIACQW
AKALGAKLIGTVGTAQKAQSALKAGAWQVINYREEDLVERLKEITGGKKVRVVYDSVGRDTWERSLDCLQRRGLMVSFGN
SSGAVTGVNLGILNQKGSLYVTRPSLQGYITTREELTEASNELFSLIASGVIKVDVAEQQKYPLKDAQRAHEILESRATQ
GSSLLIP
;
_entity_poly.pdbx_strand_id   A,B
#
# COMPACT_ATOMS: atom_id res chain seq x y z
N ALA A 2 -7.50 6.52 44.60
CA ALA A 2 -8.09 6.54 43.24
C ALA A 2 -8.37 5.09 42.87
N THR A 3 -9.16 4.87 41.83
CA THR A 3 -9.47 3.52 41.37
C THR A 3 -8.99 3.42 39.92
N ARG A 4 -8.41 2.28 39.57
CA ARG A 4 -7.95 2.05 38.20
C ARG A 4 -8.34 0.63 37.89
N ILE A 5 -8.42 0.31 36.60
CA ILE A 5 -8.72 -1.04 36.17
C ILE A 5 -7.39 -1.62 35.74
N GLU A 6 -7.18 -2.89 36.03
CA GLU A 6 -5.95 -3.51 35.59
C GLU A 6 -6.14 -4.98 35.34
N PHE A 7 -5.24 -5.55 34.56
CA PHE A 7 -5.29 -6.97 34.26
C PHE A 7 -3.86 -7.54 34.45
N HIS A 8 -3.81 -8.75 34.99
CA HIS A 8 -2.56 -9.45 35.32
C HIS A 8 -2.26 -10.56 34.31
N LYS A 9 -3.20 -10.83 33.41
CA LYS A 9 -3.04 -11.88 32.41
C LYS A 9 -3.94 -11.57 31.24
N HIS A 10 -3.60 -12.08 30.06
CA HIS A 10 -4.43 -11.87 28.90
C HIS A 10 -5.65 -12.78 28.87
N GLY A 11 -6.76 -12.27 28.36
CA GLY A 11 -7.93 -13.10 28.30
C GLY A 11 -9.16 -12.35 27.90
N GLY A 12 -10.31 -12.89 28.29
CA GLY A 12 -11.58 -12.30 27.98
C GLY A 12 -11.84 -11.16 28.94
N PRO A 13 -12.98 -10.47 28.80
CA PRO A 13 -13.40 -9.34 29.65
C PRO A 13 -13.28 -9.62 31.16
N GLU A 14 -13.52 -10.87 31.54
CA GLU A 14 -13.43 -11.28 32.92
C GLU A 14 -12.05 -11.04 33.55
N VAL A 15 -10.99 -10.81 32.80
CA VAL A 15 -9.70 -10.58 33.44
C VAL A 15 -9.53 -9.16 33.96
N LEU A 16 -10.48 -8.29 33.70
CA LEU A 16 -10.30 -6.91 34.14
C LEU A 16 -10.68 -6.77 35.61
N GLN A 17 -9.84 -6.10 36.40
CA GLN A 17 -10.16 -5.93 37.82
C GLN A 17 -9.91 -4.52 38.34
N ALA A 18 -10.87 -4.01 39.11
CA ALA A 18 -10.75 -2.67 39.69
C ALA A 18 -9.81 -2.78 40.88
N VAL A 19 -8.92 -1.81 41.06
CA VAL A 19 -7.98 -1.86 42.20
C VAL A 19 -7.75 -0.47 42.74
N GLU A 20 -7.64 -0.36 44.05
CA GLU A 20 -7.40 0.95 44.63
C GLU A 20 -5.93 1.30 44.55
N PHE A 21 -5.62 2.57 44.45
CA PHE A 21 -4.25 2.99 44.39
C PHE A 21 -4.15 4.46 44.69
N THR A 22 -2.91 4.93 44.88
CA THR A 22 -2.61 6.32 45.17
C THR A 22 -1.80 6.85 43.98
N PRO A 23 -2.32 7.88 43.31
CA PRO A 23 -1.65 8.47 42.17
C PRO A 23 -0.36 9.11 42.61
N ALA A 24 0.64 9.01 41.76
CA ALA A 24 1.95 9.61 41.97
C ALA A 24 1.86 11.01 41.37
N ASP A 25 2.73 11.90 41.80
CA ASP A 25 2.73 13.25 41.26
C ASP A 25 3.32 13.18 39.86
N PRO A 26 2.94 14.10 38.96
CA PRO A 26 3.48 14.05 37.60
C PRO A 26 4.99 14.29 37.46
N ALA A 27 5.54 13.79 36.36
CA ALA A 27 6.94 13.99 36.05
C ALA A 27 6.99 15.46 35.64
N GLU A 28 8.18 15.99 35.43
CA GLU A 28 8.35 17.40 35.07
C GLU A 28 7.59 17.84 33.82
N ASN A 29 7.40 16.91 32.88
CA ASN A 29 6.71 17.20 31.63
C ASN A 29 5.27 16.64 31.53
N GLU A 30 4.70 16.27 32.68
CA GLU A 30 3.37 15.70 32.75
C GLU A 30 2.37 16.57 33.52
N ILE A 31 1.10 16.22 33.43
CA ILE A 31 0.03 16.91 34.17
C ILE A 31 -0.74 15.73 34.77
N GLN A 32 -1.44 15.97 35.86
CA GLN A 32 -2.24 14.93 36.49
C GLN A 32 -3.69 15.34 36.26
N VAL A 33 -4.52 14.39 35.84
CA VAL A 33 -5.92 14.70 35.54
C VAL A 33 -6.90 13.86 36.30
N GLU A 34 -7.89 14.51 36.89
CA GLU A 34 -8.92 13.77 37.59
C GLU A 34 -9.91 13.51 36.44
N ASN A 35 -10.07 12.25 36.07
CA ASN A 35 -10.93 11.88 34.95
C ASN A 35 -12.41 11.98 35.29
N LYS A 36 -13.19 12.58 34.39
CA LYS A 36 -14.64 12.79 34.53
C LYS A 36 -15.39 11.86 33.59
N ALA A 37 -14.79 11.60 32.44
CA ALA A 37 -15.36 10.70 31.43
C ALA A 37 -14.17 9.98 30.76
N ILE A 38 -14.32 8.67 30.53
CA ILE A 38 -13.28 7.82 29.94
C ILE A 38 -13.78 7.15 28.65
N GLY A 39 -13.03 7.29 27.56
CA GLY A 39 -13.44 6.67 26.33
C GLY A 39 -13.13 5.20 26.28
N ILE A 40 -13.97 4.44 25.56
CA ILE A 40 -13.77 3.03 25.35
C ILE A 40 -13.40 2.91 23.87
N ASN A 41 -12.40 2.09 23.56
CA ASN A 41 -11.95 1.99 22.18
C ASN A 41 -11.70 0.54 21.87
N PHE A 42 -11.94 0.16 20.62
CA PHE A 42 -11.76 -1.24 20.27
C PHE A 42 -10.32 -1.72 20.53
N ILE A 43 -9.32 -0.85 20.34
CA ILE A 43 -7.94 -1.26 20.61
C ILE A 43 -7.78 -1.72 22.09
N ASP A 44 -8.66 -1.23 22.99
CA ASP A 44 -8.58 -1.64 24.40
C ASP A 44 -8.73 -3.16 24.50
N THR A 45 -9.58 -3.73 23.64
CA THR A 45 -9.76 -5.18 23.66
C THR A 45 -8.54 -5.94 23.03
N TYR A 46 -7.81 -5.33 22.11
CA TYR A 46 -6.66 -5.99 21.49
C TYR A 46 -5.55 -6.17 22.59
N ILE A 47 -5.37 -5.12 23.39
CA ILE A 47 -4.40 -5.13 24.45
C ILE A 47 -4.79 -6.12 25.56
N ARG A 48 -6.04 -6.07 26.00
CA ARG A 48 -6.52 -6.98 27.02
C ARG A 48 -6.41 -8.46 26.59
N SER A 49 -6.76 -8.76 25.34
CA SER A 49 -6.76 -10.13 24.84
C SER A 49 -5.35 -10.64 24.47
N GLY A 50 -4.39 -9.73 24.36
CA GLY A 50 -3.07 -10.14 24.01
C GLY A 50 -2.68 -10.00 22.56
N LEU A 51 -3.56 -9.52 21.67
CA LEU A 51 -3.20 -9.33 20.27
C LEU A 51 -2.11 -8.27 20.24
N TYR A 52 -2.25 -7.23 21.06
CA TYR A 52 -1.24 -6.17 21.20
C TYR A 52 -0.77 -6.29 22.67
N PRO A 53 0.35 -6.97 22.93
CA PRO A 53 0.85 -7.14 24.31
C PRO A 53 1.35 -5.81 24.89
N PRO A 54 1.04 -5.54 26.17
CA PRO A 54 1.48 -4.28 26.78
C PRO A 54 2.94 -4.32 27.12
N PRO A 55 3.51 -3.17 27.56
CA PRO A 55 4.93 -3.12 27.93
C PRO A 55 5.20 -4.22 28.98
N SER A 56 4.24 -4.41 29.90
CA SER A 56 4.35 -5.45 30.90
C SER A 56 3.04 -5.69 31.66
N LEU A 57 2.99 -6.81 32.37
CA LEU A 57 1.84 -7.20 33.18
C LEU A 57 2.30 -7.18 34.64
N PRO A 58 1.42 -6.76 35.58
CA PRO A 58 0.04 -6.30 35.35
C PRO A 58 0.06 -5.02 34.54
N SER A 59 -1.10 -4.66 34.01
CA SER A 59 -1.18 -3.45 33.21
C SER A 59 -2.51 -2.77 33.35
N GLY A 60 -2.48 -1.45 33.20
CA GLY A 60 -3.70 -0.67 33.19
C GLY A 60 -4.20 -0.72 31.72
N LEU A 61 -5.24 0.05 31.39
CA LEU A 61 -5.83 0.05 30.05
C LEU A 61 -6.34 1.44 29.65
N GLY A 62 -6.58 1.65 28.36
CA GLY A 62 -7.13 2.91 27.89
C GLY A 62 -6.14 4.04 27.77
N THR A 63 -6.25 4.80 26.68
CA THR A 63 -5.38 5.94 26.47
C THR A 63 -6.21 7.21 26.24
N GLU A 64 -7.54 7.15 26.45
CA GLU A 64 -8.41 8.31 26.20
C GLU A 64 -9.30 8.73 27.37
N ALA A 65 -9.29 10.01 27.72
CA ALA A 65 -10.13 10.46 28.79
C ALA A 65 -10.13 11.97 28.78
N ALA A 66 -11.10 12.55 29.49
CA ALA A 66 -11.26 14.02 29.58
C ALA A 66 -11.48 14.33 31.04
N GLY A 67 -11.00 15.48 31.49
CA GLY A 67 -11.21 15.84 32.88
C GLY A 67 -10.57 17.14 33.28
N ILE A 68 -10.34 17.32 34.58
CA ILE A 68 -9.71 18.54 35.09
C ILE A 68 -8.31 18.31 35.59
N VAL A 69 -7.41 19.19 35.17
CA VAL A 69 -6.04 19.07 35.58
C VAL A 69 -5.91 19.38 37.08
N SER A 70 -5.53 18.39 37.87
CA SER A 70 -5.36 18.62 39.31
C SER A 70 -3.95 19.12 39.64
N LYS A 71 -2.93 18.61 38.97
CA LYS A 71 -1.56 19.07 39.24
C LYS A 71 -0.78 19.20 37.95
N VAL A 72 0.32 19.93 37.99
CA VAL A 72 1.14 20.14 36.81
C VAL A 72 2.64 19.99 37.12
N GLY A 73 3.35 19.29 36.24
CA GLY A 73 4.78 19.09 36.39
C GLY A 73 5.52 20.40 36.27
N SER A 74 6.76 20.42 36.79
CA SER A 74 7.58 21.63 36.80
C SER A 74 7.91 22.21 35.43
N GLY A 75 8.11 21.35 34.43
CA GLY A 75 8.42 21.87 33.11
C GLY A 75 7.20 22.30 32.30
N VAL A 76 6.00 21.87 32.71
CA VAL A 76 4.79 22.19 31.97
C VAL A 76 4.40 23.65 32.07
N LYS A 77 4.39 24.32 30.91
CA LYS A 77 4.07 25.74 30.82
C LYS A 77 2.74 26.06 30.16
N HIS A 78 2.35 25.27 29.15
CA HIS A 78 1.11 25.52 28.42
C HIS A 78 -0.19 25.11 29.10
N ILE A 79 -0.14 24.43 30.24
CA ILE A 79 -1.36 23.99 30.93
C ILE A 79 -1.26 24.28 32.42
N LYS A 80 -2.38 24.57 33.05
CA LYS A 80 -2.37 24.85 34.48
C LYS A 80 -3.47 24.14 35.23
N ALA A 81 -3.34 24.05 36.55
CA ALA A 81 -4.34 23.37 37.36
C ALA A 81 -5.66 24.04 37.13
N GLY A 82 -6.72 23.25 37.11
CA GLY A 82 -8.03 23.79 36.86
C GLY A 82 -8.50 23.70 35.42
N ASP A 83 -7.57 23.67 34.44
CA ASP A 83 -7.96 23.56 33.03
C ASP A 83 -8.73 22.30 32.72
N ARG A 84 -9.59 22.37 31.71
CA ARG A 84 -10.39 21.21 31.28
C ARG A 84 -9.65 20.64 30.07
N VAL A 85 -9.29 19.36 30.10
CA VAL A 85 -8.54 18.78 28.97
C VAL A 85 -9.04 17.42 28.53
N VAL A 86 -8.65 17.04 27.31
CA VAL A 86 -8.96 15.71 26.80
C VAL A 86 -7.62 15.18 26.27
N TYR A 87 -7.51 13.87 26.22
CA TYR A 87 -6.32 13.26 25.65
C TYR A 87 -6.72 11.92 25.04
N ALA A 88 -6.02 11.54 23.95
CA ALA A 88 -6.27 10.29 23.24
C ALA A 88 -5.07 9.33 23.26
N GLN A 89 -3.88 9.88 23.57
CA GLN A 89 -2.65 9.11 23.51
C GLN A 89 -1.83 9.10 24.79
N SER A 90 -2.41 8.74 25.91
CA SER A 90 -1.63 8.77 27.13
C SER A 90 -1.00 7.39 27.25
N ALA A 91 -0.08 7.23 28.21
CA ALA A 91 0.46 5.92 28.47
C ALA A 91 -0.77 5.10 28.86
N LEU A 92 -0.71 3.78 28.76
CA LEU A 92 -1.83 2.92 29.16
C LEU A 92 -2.29 3.24 30.62
N GLY A 93 -3.59 3.21 30.88
CA GLY A 93 -4.06 3.50 32.22
C GLY A 93 -5.18 4.53 32.34
N ALA A 94 -5.66 5.06 31.20
CA ALA A 94 -6.76 6.05 31.22
C ALA A 94 -8.02 5.51 31.90
N TYR A 95 -8.16 4.18 32.00
CA TYR A 95 -9.29 3.57 32.71
C TYR A 95 -8.98 3.76 34.21
N SER A 96 -9.09 5.00 34.69
CA SER A 96 -8.77 5.32 36.06
C SER A 96 -9.38 6.65 36.41
N SER A 97 -9.51 6.91 37.70
CA SER A 97 -10.07 8.16 38.16
C SER A 97 -9.04 9.29 38.15
N VAL A 98 -7.76 8.95 38.14
CA VAL A 98 -6.68 9.96 38.11
C VAL A 98 -5.57 9.35 37.26
N HIS A 99 -5.04 10.10 36.31
CA HIS A 99 -3.99 9.57 35.44
C HIS A 99 -2.97 10.66 35.15
N ASN A 100 -1.70 10.30 35.03
CA ASN A 100 -0.71 11.31 34.69
C ASN A 100 -0.46 11.18 33.18
N ILE A 101 -0.31 12.31 32.49
CA ILE A 101 -0.16 12.29 31.05
C ILE A 101 0.89 13.31 30.60
N ILE A 102 1.66 12.96 29.57
CA ILE A 102 2.63 13.88 28.99
C ILE A 102 1.76 15.03 28.48
N ALA A 103 2.06 16.24 28.94
CA ALA A 103 1.33 17.43 28.60
C ALA A 103 1.21 17.80 27.12
N ASP A 104 2.13 17.35 26.27
CA ASP A 104 2.03 17.67 24.83
C ASP A 104 0.95 16.88 24.16
N LYS A 105 0.53 15.81 24.81
CA LYS A 105 -0.50 14.94 24.30
C LYS A 105 -1.91 15.38 24.70
N ALA A 106 -2.05 16.43 25.51
CA ALA A 106 -3.38 16.85 25.94
C ALA A 106 -3.84 18.15 25.29
N ALA A 107 -5.13 18.24 24.99
CA ALA A 107 -5.68 19.45 24.39
C ALA A 107 -6.65 20.14 25.36
N ILE A 108 -6.59 21.46 25.36
CA ILE A 108 -7.48 22.25 26.22
C ILE A 108 -8.88 22.20 25.59
N LEU A 109 -9.85 21.73 26.35
CA LEU A 109 -11.22 21.62 25.88
C LEU A 109 -11.97 22.95 25.82
N PRO A 110 -12.69 23.22 24.71
CA PRO A 110 -13.40 24.51 24.70
C PRO A 110 -14.61 24.34 25.65
N ALA A 111 -15.03 25.43 26.27
CA ALA A 111 -16.16 25.43 27.20
C ALA A 111 -17.39 24.76 26.63
N ALA A 112 -17.65 24.97 25.35
CA ALA A 112 -18.84 24.39 24.72
C ALA A 112 -18.85 22.88 24.63
N ILE A 113 -17.72 22.25 24.92
CA ILE A 113 -17.68 20.82 24.78
C ILE A 113 -17.60 20.15 26.12
N SER A 114 -18.58 19.29 26.40
CA SER A 114 -18.62 18.57 27.66
C SER A 114 -17.60 17.43 27.76
N PHE A 115 -17.32 16.99 28.98
CA PHE A 115 -16.35 15.91 29.20
C PHE A 115 -16.82 14.64 28.55
N GLU A 116 -18.14 14.38 28.61
CA GLU A 116 -18.70 13.18 28.00
C GLU A 116 -18.64 13.24 26.48
N GLN A 117 -18.75 14.45 25.91
CA GLN A 117 -18.70 14.61 24.45
C GLN A 117 -17.28 14.42 23.99
N ALA A 118 -16.36 14.94 24.77
CA ALA A 118 -14.94 14.88 24.47
C ALA A 118 -14.42 13.43 24.50
N ALA A 119 -14.74 12.68 25.55
CA ALA A 119 -14.31 11.29 25.67
C ALA A 119 -15.05 10.36 24.70
N ALA A 120 -16.15 10.84 24.12
CA ALA A 120 -16.88 10.00 23.18
C ALA A 120 -16.29 10.16 21.75
N SER A 121 -15.51 11.20 21.56
CA SER A 121 -15.09 11.48 20.20
C SER A 121 -13.69 11.95 19.93
N PHE A 122 -12.86 12.13 20.96
CA PHE A 122 -11.51 12.62 20.70
C PHE A 122 -10.58 11.65 19.89
N LEU A 123 -10.35 10.46 20.41
CA LEU A 123 -9.53 9.48 19.70
C LEU A 123 -10.17 9.12 18.35
N LYS A 124 -11.46 8.79 18.37
CA LYS A 124 -12.15 8.42 17.14
C LYS A 124 -12.24 9.59 16.12
N GLY A 125 -12.40 10.82 16.61
CA GLY A 125 -12.52 11.96 15.69
C GLY A 125 -11.18 12.29 15.04
N LEU A 126 -10.11 12.18 15.82
CA LEU A 126 -8.76 12.43 15.28
C LEU A 126 -8.49 11.35 14.20
N THR A 127 -8.97 10.14 14.45
CA THR A 127 -8.84 9.07 13.47
C THR A 127 -9.61 9.42 12.19
N VAL A 128 -10.86 9.88 12.33
CA VAL A 128 -11.64 10.21 11.15
C VAL A 128 -10.97 11.35 10.41
N TYR A 129 -10.43 12.30 11.15
CA TYR A 129 -9.78 13.41 10.51
C TYR A 129 -8.57 12.97 9.65
N TYR A 130 -7.62 12.21 10.21
CA TYR A 130 -6.46 11.87 9.36
C TYR A 130 -6.87 10.91 8.24
N LEU A 131 -7.77 9.99 8.52
CA LEU A 131 -8.25 9.09 7.49
C LEU A 131 -8.84 9.77 6.23
N LEU A 132 -9.73 10.75 6.41
CA LEU A 132 -10.43 11.43 5.31
C LEU A 132 -9.73 12.65 4.72
N ARG A 133 -8.77 13.17 5.48
CA ARG A 133 -8.04 14.34 5.05
C ARG A 133 -6.56 14.08 4.77
N LYS A 134 -5.94 13.08 5.38
CA LYS A 134 -4.51 12.87 5.17
C LYS A 134 -4.13 11.58 4.46
N THR A 135 -4.62 10.45 4.93
CA THR A 135 -4.29 9.17 4.32
C THR A 135 -4.68 9.16 2.83
N TYR A 136 -5.81 9.78 2.56
CA TYR A 136 -6.34 9.91 1.22
C TYR A 136 -7.29 11.12 1.36
N GLU A 137 -7.22 12.07 0.44
CA GLU A 137 -8.07 13.23 0.53
C GLU A 137 -9.41 13.10 -0.16
N ILE A 138 -10.47 12.86 0.60
CA ILE A 138 -11.82 12.69 0.07
C ILE A 138 -12.31 14.02 -0.52
N LYS A 139 -12.89 13.98 -1.72
CA LYS A 139 -13.42 15.18 -2.39
C LYS A 139 -14.94 15.20 -2.43
N PRO A 140 -15.53 16.37 -2.70
CA PRO A 140 -16.99 16.57 -2.79
C PRO A 140 -17.54 15.63 -3.86
N ASP A 141 -18.67 14.99 -3.61
CA ASP A 141 -19.30 14.04 -4.52
C ASP A 141 -18.64 12.68 -4.65
N GLU A 142 -17.43 12.53 -4.11
CA GLU A 142 -16.74 11.26 -4.24
C GLU A 142 -17.45 10.15 -3.49
N GLN A 143 -17.64 9.01 -4.16
CA GLN A 143 -18.26 7.84 -3.54
C GLN A 143 -17.12 6.95 -3.01
N PHE A 144 -17.25 6.41 -1.82
CA PHE A 144 -16.19 5.56 -1.31
C PHE A 144 -16.85 4.66 -0.28
N LEU A 145 -16.20 3.56 0.04
CA LEU A 145 -16.74 2.60 1.00
C LEU A 145 -16.11 2.75 2.41
N PHE A 146 -16.93 2.55 3.46
CA PHE A 146 -16.46 2.69 4.82
C PHE A 146 -17.19 1.66 5.63
N HIS A 147 -16.44 0.68 6.15
CA HIS A 147 -17.00 -0.43 6.92
C HIS A 147 -17.40 -0.12 8.31
N ALA A 148 -18.34 -0.89 8.83
CA ALA A 148 -18.82 -0.73 10.21
C ALA A 148 -19.22 0.75 10.46
N ALA A 149 -20.10 1.24 9.60
CA ALA A 149 -20.56 2.62 9.62
C ALA A 149 -21.44 3.10 10.78
N ALA A 150 -21.95 2.21 11.60
CA ALA A 150 -22.77 2.64 12.74
C ALA A 150 -21.98 2.57 14.07
N GLY A 151 -20.65 2.34 13.98
CA GLY A 151 -19.82 2.21 15.17
C GLY A 151 -19.28 3.52 15.69
N GLY A 152 -18.40 3.47 16.69
CA GLY A 152 -17.84 4.68 17.27
C GLY A 152 -17.20 5.55 16.22
N VAL A 153 -16.23 4.98 15.52
CA VAL A 153 -15.58 5.71 14.46
C VAL A 153 -16.57 5.90 13.31
N GLY A 154 -17.34 4.85 12.99
CA GLY A 154 -18.29 4.90 11.87
C GLY A 154 -19.25 6.08 11.84
N LEU A 155 -19.99 6.26 12.92
CA LEU A 155 -20.95 7.35 13.03
C LEU A 155 -20.31 8.73 12.88
N ILE A 156 -19.06 8.89 13.36
CA ILE A 156 -18.39 10.16 13.18
C ILE A 156 -17.99 10.28 11.70
N ALA A 157 -17.56 9.17 11.12
CA ALA A 157 -17.17 9.19 9.71
C ALA A 157 -18.38 9.59 8.81
N CYS A 158 -19.55 9.05 9.10
CA CYS A 158 -20.76 9.40 8.33
C CYS A 158 -21.03 10.95 8.30
N GLN A 159 -20.93 11.59 9.47
CA GLN A 159 -21.20 13.00 9.65
C GLN A 159 -20.15 13.85 9.05
N TRP A 160 -18.89 13.42 9.18
CA TRP A 160 -17.79 14.18 8.58
C TRP A 160 -17.85 14.09 7.04
N ALA A 161 -18.13 12.89 6.50
CA ALA A 161 -18.22 12.69 5.06
C ALA A 161 -19.34 13.61 4.49
N LYS A 162 -20.50 13.62 5.13
CA LYS A 162 -21.61 14.49 4.74
C LYS A 162 -21.16 15.95 4.75
N ALA A 163 -20.56 16.40 5.85
CA ALA A 163 -20.11 17.76 5.91
C ALA A 163 -19.16 18.10 4.75
N LEU A 164 -18.38 17.13 4.30
CA LEU A 164 -17.45 17.34 3.21
C LEU A 164 -18.21 17.31 1.87
N GLY A 165 -19.45 16.85 1.90
CA GLY A 165 -20.25 16.79 0.71
C GLY A 165 -19.88 15.56 -0.11
N ALA A 166 -19.45 14.52 0.59
CA ALA A 166 -19.00 13.32 -0.07
C ALA A 166 -20.05 12.24 0.08
N LYS A 167 -19.86 11.15 -0.65
CA LYS A 167 -20.82 10.07 -0.64
C LYS A 167 -20.34 8.74 -0.04
N LEU A 168 -20.46 8.65 1.26
CA LEU A 168 -20.04 7.46 1.95
C LEU A 168 -21.04 6.34 1.73
N ILE A 169 -20.54 5.18 1.34
CA ILE A 169 -21.35 3.98 1.18
C ILE A 169 -20.87 3.15 2.41
N GLY A 170 -21.72 2.94 3.41
CA GLY A 170 -21.29 2.22 4.59
C GLY A 170 -21.77 0.79 4.63
N THR A 171 -21.13 -0.06 5.46
CA THR A 171 -21.56 -1.44 5.62
C THR A 171 -21.89 -1.55 7.09
N VAL A 172 -22.92 -2.31 7.45
CA VAL A 172 -23.31 -2.48 8.85
C VAL A 172 -23.83 -3.89 8.97
N GLY A 173 -23.94 -4.38 10.19
CA GLY A 173 -24.42 -5.73 10.41
C GLY A 173 -25.93 -5.94 10.63
N THR A 174 -26.70 -4.90 10.90
CA THR A 174 -28.13 -5.10 11.10
C THR A 174 -28.92 -3.96 10.48
N ALA A 175 -30.25 -4.13 10.39
CA ALA A 175 -31.15 -3.14 9.81
C ALA A 175 -31.22 -1.89 10.61
N GLN A 176 -31.23 -1.99 11.92
CA GLN A 176 -31.27 -0.78 12.76
C GLN A 176 -29.97 0.05 12.66
N LYS A 177 -28.84 -0.64 12.48
CA LYS A 177 -27.57 0.08 12.34
C LYS A 177 -27.63 0.81 11.02
N ALA A 178 -28.19 0.14 10.02
CA ALA A 178 -28.31 0.77 8.70
C ALA A 178 -29.07 2.11 8.83
N GLN A 179 -30.15 2.11 9.61
CA GLN A 179 -30.91 3.34 9.78
C GLN A 179 -30.14 4.44 10.50
N SER A 180 -29.39 4.06 11.54
CA SER A 180 -28.62 5.07 12.27
C SER A 180 -27.59 5.70 11.35
N ALA A 181 -26.93 4.87 10.54
CA ALA A 181 -25.90 5.34 9.60
C ALA A 181 -26.50 6.32 8.57
N LEU A 182 -27.66 5.98 8.00
CA LEU A 182 -28.29 6.87 7.01
C LEU A 182 -28.68 8.19 7.68
N LYS A 183 -29.19 8.08 8.89
CA LYS A 183 -29.58 9.23 9.68
C LYS A 183 -28.35 10.09 9.91
N ALA A 184 -27.23 9.46 10.26
CA ALA A 184 -25.98 10.23 10.46
C ALA A 184 -25.42 10.83 9.16
N GLY A 185 -25.81 10.32 7.99
CA GLY A 185 -25.25 10.93 6.80
C GLY A 185 -24.63 10.01 5.76
N ALA A 186 -24.73 8.70 5.93
CA ALA A 186 -24.23 7.77 4.95
C ALA A 186 -25.16 7.92 3.73
N TRP A 187 -24.58 7.97 2.53
CA TRP A 187 -25.34 8.10 1.30
C TRP A 187 -26.14 6.83 1.07
N GLN A 188 -25.51 5.68 1.15
CA GLN A 188 -26.15 4.39 0.98
C GLN A 188 -25.47 3.45 1.98
N VAL A 189 -26.14 2.37 2.34
CA VAL A 189 -25.63 1.41 3.31
C VAL A 189 -25.91 0.00 2.82
N ILE A 190 -24.93 -0.89 2.95
CA ILE A 190 -25.08 -2.28 2.54
C ILE A 190 -24.96 -3.06 3.81
N ASN A 191 -25.86 -3.99 4.04
CA ASN A 191 -25.77 -4.80 5.25
C ASN A 191 -24.90 -5.97 4.81
N TYR A 192 -23.64 -5.99 5.23
CA TYR A 192 -22.73 -7.06 4.82
C TYR A 192 -22.94 -8.44 5.43
N ARG A 193 -23.91 -8.58 6.33
CA ARG A 193 -24.23 -9.91 6.87
C ARG A 193 -25.37 -10.50 6.02
N GLU A 194 -26.15 -9.66 5.36
CA GLU A 194 -27.25 -10.16 4.56
C GLU A 194 -27.02 -10.03 3.06
N GLU A 195 -26.45 -8.93 2.61
CA GLU A 195 -26.32 -8.75 1.21
C GLU A 195 -24.98 -9.19 0.67
N ASP A 196 -24.89 -9.12 -0.66
CA ASP A 196 -23.68 -9.44 -1.38
C ASP A 196 -23.00 -8.11 -1.56
N LEU A 197 -22.04 -7.83 -0.70
CA LEU A 197 -21.33 -6.57 -0.72
C LEU A 197 -20.75 -6.12 -2.05
N VAL A 198 -20.06 -7.03 -2.74
CA VAL A 198 -19.38 -6.69 -3.99
C VAL A 198 -20.37 -6.37 -5.09
N GLU A 199 -21.40 -7.22 -5.27
CA GLU A 199 -22.41 -6.97 -6.28
C GLU A 199 -23.18 -5.67 -5.96
N ARG A 200 -23.60 -5.45 -4.71
CA ARG A 200 -24.33 -4.20 -4.39
C ARG A 200 -23.43 -3.01 -4.63
N LEU A 201 -22.14 -3.11 -4.28
CA LEU A 201 -21.25 -1.99 -4.50
C LEU A 201 -21.10 -1.67 -5.98
N LYS A 202 -21.04 -2.68 -6.82
CA LYS A 202 -20.93 -2.43 -8.27
C LYS A 202 -22.23 -1.79 -8.80
N GLU A 203 -23.36 -2.27 -8.29
CA GLU A 203 -24.66 -1.75 -8.67
C GLU A 203 -24.76 -0.26 -8.28
N ILE A 204 -24.47 0.06 -7.02
CA ILE A 204 -24.53 1.42 -6.48
C ILE A 204 -23.63 2.41 -7.23
N THR A 205 -22.49 1.93 -7.71
CA THR A 205 -21.53 2.79 -8.41
C THR A 205 -21.63 2.79 -9.95
N GLY A 206 -22.67 2.16 -10.47
CA GLY A 206 -22.83 2.16 -11.91
C GLY A 206 -21.75 1.34 -12.55
N GLY A 207 -21.20 0.41 -11.77
CA GLY A 207 -20.16 -0.48 -12.26
C GLY A 207 -18.78 0.12 -12.21
N LYS A 208 -18.64 1.37 -11.76
CA LYS A 208 -17.36 2.03 -11.69
C LYS A 208 -16.46 1.62 -10.51
N LYS A 209 -17.05 1.08 -9.46
CA LYS A 209 -16.30 0.77 -8.27
C LYS A 209 -15.78 2.05 -7.60
N VAL A 210 -14.98 1.86 -6.58
CA VAL A 210 -14.53 2.98 -5.76
C VAL A 210 -13.00 3.14 -5.75
N ARG A 211 -12.51 4.35 -5.56
CA ARG A 211 -11.07 4.61 -5.53
C ARG A 211 -10.44 4.31 -4.13
N VAL A 212 -11.23 4.39 -3.06
CA VAL A 212 -10.71 4.09 -1.74
C VAL A 212 -11.74 3.35 -0.88
N VAL A 213 -11.23 2.42 -0.06
CA VAL A 213 -11.99 1.59 0.87
C VAL A 213 -11.37 1.72 2.24
N TYR A 214 -12.17 2.13 3.24
CA TYR A 214 -11.68 2.25 4.60
C TYR A 214 -12.25 1.08 5.31
N ASP A 215 -11.39 0.15 5.68
CA ASP A 215 -11.83 -1.10 6.29
C ASP A 215 -11.23 -1.41 7.68
N SER A 216 -12.08 -1.35 8.71
CA SER A 216 -11.61 -1.59 10.05
C SER A 216 -11.99 -2.95 10.51
N VAL A 217 -12.70 -3.70 9.67
CA VAL A 217 -13.11 -5.01 10.16
C VAL A 217 -12.03 -6.09 10.04
N GLY A 218 -11.10 -5.86 9.09
CA GLY A 218 -9.99 -6.77 8.95
C GLY A 218 -10.23 -8.07 8.21
N ARG A 219 -9.99 -9.16 8.92
CA ARG A 219 -10.08 -10.52 8.38
C ARG A 219 -11.30 -10.89 7.53
N ASP A 220 -12.49 -10.69 8.10
CA ASP A 220 -13.74 -11.06 7.40
C ASP A 220 -14.04 -10.37 6.07
N THR A 221 -13.53 -9.16 5.87
CA THR A 221 -13.85 -8.41 4.67
C THR A 221 -12.72 -8.17 3.69
N TRP A 222 -11.53 -8.63 4.05
CA TRP A 222 -10.34 -8.42 3.25
C TRP A 222 -10.52 -8.63 1.73
N GLU A 223 -10.90 -9.83 1.35
CA GLU A 223 -11.06 -10.15 -0.06
C GLU A 223 -12.21 -9.36 -0.72
N ARG A 224 -13.36 -9.26 -0.03
CA ARG A 224 -14.50 -8.49 -0.55
C ARG A 224 -14.12 -7.01 -0.80
N SER A 225 -13.35 -6.41 0.12
CA SER A 225 -12.95 -5.03 -0.04
C SER A 225 -12.02 -4.81 -1.23
N LEU A 226 -11.07 -5.73 -1.44
CA LEU A 226 -10.16 -5.59 -2.58
C LEU A 226 -10.97 -5.64 -3.89
N ASP A 227 -12.00 -6.48 -3.91
CA ASP A 227 -12.88 -6.61 -5.06
C ASP A 227 -13.76 -5.37 -5.30
N CYS A 228 -13.83 -4.42 -4.38
CA CYS A 228 -14.64 -3.20 -4.58
C CYS A 228 -13.82 -2.05 -5.09
N LEU A 229 -12.57 -2.34 -5.47
CA LEU A 229 -11.67 -1.26 -5.86
C LEU A 229 -11.31 -1.12 -7.31
N GLN A 230 -11.21 0.12 -7.75
CA GLN A 230 -10.80 0.45 -9.10
C GLN A 230 -9.26 0.18 -9.24
N ARG A 231 -8.84 0.05 -10.49
CA ARG A 231 -7.46 -0.17 -10.84
C ARG A 231 -6.69 0.92 -10.10
N ARG A 232 -5.61 0.53 -9.42
CA ARG A 232 -4.75 1.43 -8.67
C ARG A 232 -5.43 2.13 -7.52
N GLY A 233 -6.52 1.55 -7.01
CA GLY A 233 -7.21 2.13 -5.87
C GLY A 233 -6.44 1.91 -4.58
N LEU A 234 -6.92 2.51 -3.50
CA LEU A 234 -6.26 2.41 -2.20
C LEU A 234 -7.07 1.71 -1.16
N MET A 235 -6.52 0.65 -0.58
CA MET A 235 -7.18 -0.11 0.47
C MET A 235 -6.58 0.34 1.81
N VAL A 236 -7.42 0.93 2.68
CA VAL A 236 -6.98 1.39 3.99
C VAL A 236 -7.43 0.40 5.07
N SER A 237 -6.51 -0.48 5.50
CA SER A 237 -6.81 -1.47 6.55
C SER A 237 -6.44 -0.79 7.89
N PHE A 238 -7.44 -0.43 8.69
CA PHE A 238 -7.13 0.31 9.91
C PHE A 238 -7.74 -0.25 11.17
N GLY A 239 -8.18 -1.49 11.12
CA GLY A 239 -8.77 -2.12 12.28
C GLY A 239 -8.64 -3.63 12.17
N ASN A 240 -8.87 -4.35 13.28
CA ASN A 240 -8.80 -5.81 13.30
C ASN A 240 -10.05 -6.29 14.08
N SER A 241 -11.22 -5.68 13.86
CA SER A 241 -12.41 -6.07 14.61
C SER A 241 -12.77 -7.53 14.54
N SER A 242 -12.66 -8.12 13.36
CA SER A 242 -12.97 -9.54 13.22
C SER A 242 -11.65 -10.34 13.26
N GLY A 243 -10.52 -9.68 13.43
CA GLY A 243 -9.26 -10.37 13.43
C GLY A 243 -8.27 -9.65 12.54
N ALA A 244 -6.98 -9.79 12.80
CA ALA A 244 -5.96 -9.12 11.98
C ALA A 244 -5.93 -9.76 10.60
N VAL A 245 -5.40 -9.05 9.60
CA VAL A 245 -5.31 -9.68 8.29
C VAL A 245 -3.89 -10.26 8.14
N THR A 246 -3.83 -11.58 8.08
CA THR A 246 -2.57 -12.25 8.01
C THR A 246 -2.50 -13.20 6.84
N GLY A 247 -1.31 -13.67 6.55
CA GLY A 247 -1.14 -14.61 5.47
C GLY A 247 -1.34 -14.08 4.08
N VAL A 248 -1.07 -12.81 3.85
CA VAL A 248 -1.27 -12.33 2.51
C VAL A 248 -0.05 -12.51 1.60
N ASN A 249 -0.35 -12.80 0.35
CA ASN A 249 0.63 -12.96 -0.72
C ASN A 249 0.43 -11.63 -1.45
N LEU A 250 1.49 -10.85 -1.59
CA LEU A 250 1.41 -9.57 -2.26
C LEU A 250 0.95 -9.66 -3.70
N GLY A 251 1.13 -10.82 -4.32
CA GLY A 251 0.68 -10.99 -5.68
C GLY A 251 -0.78 -10.59 -5.82
N ILE A 252 -1.60 -10.84 -4.79
CA ILE A 252 -3.01 -10.46 -4.83
C ILE A 252 -3.25 -8.96 -5.12
N LEU A 253 -2.35 -8.06 -4.70
CA LEU A 253 -2.53 -6.64 -5.02
C LEU A 253 -2.35 -6.39 -6.54
N ASN A 254 -1.58 -7.27 -7.15
CA ASN A 254 -1.30 -7.18 -8.57
C ASN A 254 -2.56 -7.67 -9.32
N GLN A 255 -2.98 -8.88 -8.98
CA GLN A 255 -4.14 -9.48 -9.60
C GLN A 255 -5.37 -8.59 -9.50
N LYS A 256 -5.59 -8.02 -8.32
CA LYS A 256 -6.74 -7.18 -8.09
C LYS A 256 -6.67 -5.81 -8.74
N GLY A 257 -5.62 -5.53 -9.51
CA GLY A 257 -5.52 -4.23 -10.18
C GLY A 257 -4.38 -3.28 -9.82
N SER A 258 -3.22 -3.81 -9.37
CA SER A 258 -2.08 -2.97 -8.98
C SER A 258 -2.54 -1.98 -7.91
N LEU A 259 -3.17 -2.52 -6.87
CA LEU A 259 -3.71 -1.75 -5.78
C LEU A 259 -2.64 -1.33 -4.78
N TYR A 260 -2.98 -0.30 -3.99
CA TYR A 260 -2.15 0.16 -2.89
C TYR A 260 -2.88 -0.25 -1.58
N VAL A 261 -2.10 -0.53 -0.55
CA VAL A 261 -2.66 -0.83 0.76
C VAL A 261 -1.78 -0.16 1.82
N THR A 262 -2.40 0.33 2.88
CA THR A 262 -1.68 0.97 3.96
C THR A 262 -2.38 0.53 5.21
N ARG A 263 -1.62 0.39 6.30
CA ARG A 263 -2.18 -0.02 7.58
C ARG A 263 -1.73 1.06 8.56
N PRO A 264 -2.51 2.14 8.68
CA PRO A 264 -2.19 3.27 9.58
C PRO A 264 -2.65 3.14 11.04
N SER A 265 -2.06 3.99 11.87
CA SER A 265 -2.41 4.08 13.27
C SER A 265 -2.33 5.57 13.59
N LEU A 266 -2.98 5.96 14.68
CA LEU A 266 -2.99 7.35 15.13
C LEU A 266 -1.57 7.87 15.37
N GLN A 267 -0.70 7.04 15.94
CA GLN A 267 0.67 7.43 16.21
C GLN A 267 1.43 7.79 14.94
N GLY A 268 1.09 7.15 13.81
CA GLY A 268 1.79 7.48 12.58
C GLY A 268 1.41 8.83 11.99
N TYR A 269 0.31 9.42 12.44
CA TYR A 269 -0.19 10.68 11.88
C TYR A 269 -0.26 11.88 12.83
N ILE A 270 -0.58 11.64 14.10
CA ILE A 270 -0.65 12.71 15.10
C ILE A 270 0.60 12.48 16.00
N THR A 271 1.68 13.13 15.63
CA THR A 271 2.95 12.95 16.29
C THR A 271 3.49 14.15 17.06
N THR A 272 3.20 15.35 16.59
CA THR A 272 3.67 16.55 17.27
C THR A 272 2.50 17.31 17.92
N ARG A 273 2.83 18.30 18.74
CA ARG A 273 1.86 19.15 19.44
C ARG A 273 1.15 19.98 18.37
N GLU A 274 1.92 20.39 17.37
CA GLU A 274 1.37 21.18 16.30
C GLU A 274 0.30 20.38 15.53
N GLU A 275 0.53 19.09 15.31
CA GLU A 275 -0.42 18.24 14.61
C GLU A 275 -1.68 17.98 15.41
N LEU A 276 -1.50 17.69 16.69
CA LEU A 276 -2.61 17.44 17.60
C LEU A 276 -3.50 18.70 17.61
N THR A 277 -2.85 19.86 17.65
CA THR A 277 -3.51 21.15 17.67
C THR A 277 -4.32 21.47 16.41
N GLU A 278 -3.73 21.32 15.24
CA GLU A 278 -4.44 21.57 14.00
C GLU A 278 -5.67 20.63 13.87
N ALA A 279 -5.48 19.35 14.18
CA ALA A 279 -6.56 18.39 14.10
C ALA A 279 -7.67 18.64 15.13
N SER A 280 -7.31 19.04 16.35
CA SER A 280 -8.29 19.30 17.43
C SER A 280 -9.12 20.52 17.07
N ASN A 281 -8.46 21.52 16.49
CA ASN A 281 -9.15 22.73 16.11
C ASN A 281 -10.26 22.40 15.11
N GLU A 282 -9.94 21.57 14.14
CA GLU A 282 -10.95 21.15 13.17
C GLU A 282 -12.09 20.41 13.88
N LEU A 283 -11.74 19.31 14.53
CA LEU A 283 -12.70 18.48 15.24
C LEU A 283 -13.62 19.27 16.18
N PHE A 284 -13.00 20.07 17.04
CA PHE A 284 -13.74 20.83 18.03
C PHE A 284 -14.71 21.81 17.38
N SER A 285 -14.29 22.41 16.28
CA SER A 285 -15.16 23.38 15.69
C SER A 285 -16.39 22.72 15.05
N LEU A 286 -16.26 21.46 14.63
CA LEU A 286 -17.33 20.72 14.00
C LEU A 286 -18.34 20.20 15.02
N ILE A 287 -17.86 19.87 16.22
CA ILE A 287 -18.74 19.40 17.29
C ILE A 287 -19.51 20.58 17.92
N ALA A 288 -18.80 21.68 18.21
CA ALA A 288 -19.38 22.89 18.79
C ALA A 288 -20.45 23.45 17.87
N SER A 289 -20.22 23.39 16.56
CA SER A 289 -21.19 23.92 15.65
C SER A 289 -22.30 22.93 15.37
N GLY A 290 -22.26 21.77 16.02
CA GLY A 290 -23.31 20.78 15.80
C GLY A 290 -23.28 19.98 14.48
N VAL A 291 -22.23 20.16 13.67
CA VAL A 291 -22.09 19.44 12.42
C VAL A 291 -21.82 17.97 12.73
N ILE A 292 -21.18 17.69 13.85
CA ILE A 292 -20.95 16.30 14.23
C ILE A 292 -21.53 16.12 15.61
N LYS A 293 -22.52 15.24 15.76
CA LYS A 293 -23.16 14.97 17.05
C LYS A 293 -22.47 13.78 17.67
N VAL A 294 -22.10 13.89 18.94
CA VAL A 294 -21.42 12.78 19.59
C VAL A 294 -22.02 12.43 20.95
N ASP A 295 -23.31 12.64 21.11
CA ASP A 295 -23.94 12.32 22.37
C ASP A 295 -24.02 10.80 22.49
N VAL A 296 -23.87 10.29 23.70
CA VAL A 296 -23.86 8.84 23.96
C VAL A 296 -25.13 8.28 24.59
N ALA A 297 -25.62 7.17 24.05
CA ALA A 297 -26.82 6.50 24.58
C ALA A 297 -26.56 6.27 26.07
N GLU A 298 -27.55 6.49 26.93
CA GLU A 298 -27.35 6.27 28.37
C GLU A 298 -26.99 4.83 28.68
N GLN A 299 -27.50 3.90 27.89
CA GLN A 299 -27.22 2.48 28.10
C GLN A 299 -25.78 2.16 27.79
N GLN A 300 -25.10 3.08 27.11
CA GLN A 300 -23.71 2.85 26.75
C GLN A 300 -22.74 3.60 27.65
N LYS A 301 -23.21 4.01 28.82
CA LYS A 301 -22.36 4.69 29.82
C LYS A 301 -22.31 3.68 30.94
N TYR A 302 -21.12 3.35 31.39
CA TYR A 302 -20.94 2.35 32.42
C TYR A 302 -20.06 2.89 33.54
N PRO A 303 -20.34 2.47 34.79
CA PRO A 303 -19.51 2.94 35.90
C PRO A 303 -18.07 2.41 35.59
N LEU A 304 -17.00 3.11 35.97
CA LEU A 304 -15.64 2.60 35.73
C LEU A 304 -15.45 1.14 36.16
N LYS A 305 -15.96 0.80 37.34
CA LYS A 305 -15.82 -0.56 37.85
C LYS A 305 -16.52 -1.62 37.02
N ASP A 306 -17.40 -1.23 36.11
CA ASP A 306 -18.06 -2.21 35.26
C ASP A 306 -17.42 -2.30 33.86
N ALA A 307 -16.12 -1.99 33.82
CA ALA A 307 -15.34 -2.05 32.59
C ALA A 307 -15.53 -3.42 31.90
N GLN A 308 -15.62 -4.48 32.68
CA GLN A 308 -15.85 -5.82 32.13
C GLN A 308 -17.15 -5.94 31.28
N ARG A 309 -18.26 -5.39 31.79
CA ARG A 309 -19.53 -5.43 31.04
C ARG A 309 -19.41 -4.57 29.79
N ALA A 310 -18.71 -3.44 29.86
CA ALA A 310 -18.53 -2.58 28.70
C ALA A 310 -17.84 -3.36 27.55
N HIS A 311 -16.82 -4.17 27.90
CA HIS A 311 -16.11 -4.96 26.90
C HIS A 311 -16.99 -6.08 26.35
N GLU A 312 -17.69 -6.82 27.19
CA GLU A 312 -18.53 -7.90 26.67
C GLU A 312 -19.53 -7.33 25.65
N ILE A 313 -20.13 -6.19 26.01
CA ILE A 313 -21.11 -5.56 25.15
C ILE A 313 -20.49 -5.06 23.85
N LEU A 314 -19.36 -4.36 23.96
CA LEU A 314 -18.69 -3.86 22.76
C LEU A 314 -18.37 -4.99 21.82
N GLU A 315 -17.79 -6.06 22.34
CA GLU A 315 -17.40 -7.18 21.51
C GLU A 315 -18.55 -7.96 20.88
N SER A 316 -19.72 -7.90 21.52
CA SER A 316 -20.87 -8.63 21.03
C SER A 316 -21.50 -7.95 19.81
N ARG A 317 -20.99 -6.77 19.43
CA ARG A 317 -21.50 -6.04 18.27
C ARG A 317 -22.86 -5.38 18.52
N ALA A 318 -23.25 -5.30 19.79
CA ALA A 318 -24.53 -4.72 20.11
C ALA A 318 -24.47 -3.22 20.39
N THR A 319 -23.48 -2.49 19.91
CA THR A 319 -23.48 -1.07 20.23
C THR A 319 -23.57 -0.25 18.95
N GLN A 320 -23.79 1.04 19.12
CA GLN A 320 -23.82 1.96 18.00
C GLN A 320 -23.21 3.18 18.58
N GLY A 321 -22.34 3.81 17.82
CA GLY A 321 -21.67 4.99 18.29
C GLY A 321 -20.74 4.64 19.43
N SER A 322 -20.36 5.66 20.19
CA SER A 322 -19.46 5.55 21.31
C SER A 322 -20.04 5.12 22.67
N SER A 323 -19.16 4.56 23.50
CA SER A 323 -19.44 4.11 24.86
C SER A 323 -18.52 4.92 25.78
N LEU A 324 -18.86 4.95 27.05
CA LEU A 324 -18.05 5.68 27.99
C LEU A 324 -18.00 4.97 29.32
N LEU A 325 -16.93 5.24 30.05
CA LEU A 325 -16.76 4.75 31.42
C LEU A 325 -16.78 6.03 32.26
N ILE A 326 -17.60 6.01 33.30
CA ILE A 326 -17.72 7.17 34.19
C ILE A 326 -17.10 6.82 35.53
N PRO A 327 -16.03 7.55 35.91
CA PRO A 327 -15.26 7.42 37.15
C PRO A 327 -16.15 7.77 38.34
N ALA B 2 8.52 -21.34 -39.60
CA ALA B 2 8.90 -20.47 -38.47
C ALA B 2 9.34 -21.34 -37.29
N THR B 3 10.16 -20.78 -36.39
CA THR B 3 10.63 -21.50 -35.21
C THR B 3 10.10 -20.77 -34.00
N ARG B 4 9.66 -21.51 -33.00
CA ARG B 4 9.17 -20.92 -31.77
C ARG B 4 9.65 -21.77 -30.61
N ILE B 5 9.67 -21.20 -29.42
CA ILE B 5 10.08 -21.95 -28.23
C ILE B 5 8.80 -22.31 -27.53
N GLU B 6 8.71 -23.53 -27.04
CA GLU B 6 7.52 -23.90 -26.31
C GLU B 6 7.89 -24.87 -25.21
N PHE B 7 7.04 -24.98 -24.20
CA PHE B 7 7.31 -25.92 -23.12
C PHE B 7 6.05 -26.73 -22.87
N HIS B 8 6.22 -28.01 -22.52
CA HIS B 8 5.13 -28.93 -22.30
C HIS B 8 4.84 -29.18 -20.85
N LYS B 9 5.76 -28.79 -19.99
CA LYS B 9 5.52 -28.98 -18.57
C LYS B 9 6.35 -27.93 -17.85
N HIS B 10 5.94 -27.57 -16.63
CA HIS B 10 6.68 -26.58 -15.87
C HIS B 10 7.97 -27.18 -15.38
N GLY B 11 9.00 -26.37 -15.23
CA GLY B 11 10.28 -26.87 -14.75
C GLY B 11 11.36 -25.83 -14.90
N GLY B 12 12.62 -26.26 -14.83
CA GLY B 12 13.74 -25.35 -14.96
C GLY B 12 13.96 -25.12 -16.43
N PRO B 13 15.05 -24.40 -16.81
CA PRO B 13 15.41 -24.08 -18.21
C PRO B 13 15.37 -25.23 -19.25
N GLU B 14 15.65 -26.45 -18.80
CA GLU B 14 15.66 -27.60 -19.72
C GLU B 14 14.32 -27.89 -20.37
N VAL B 15 13.25 -27.48 -19.70
CA VAL B 15 11.89 -27.69 -20.15
C VAL B 15 11.63 -27.01 -21.52
N LEU B 16 12.39 -25.97 -21.85
CA LEU B 16 12.21 -25.22 -23.11
C LEU B 16 12.73 -25.91 -24.39
N GLN B 17 11.95 -25.93 -25.47
CA GLN B 17 12.43 -26.53 -26.73
C GLN B 17 12.00 -25.82 -27.97
N ALA B 18 12.85 -25.82 -28.98
CA ALA B 18 12.56 -25.14 -30.24
C ALA B 18 11.75 -26.07 -31.12
N VAL B 19 10.70 -25.56 -31.74
CA VAL B 19 9.87 -26.35 -32.64
C VAL B 19 9.49 -25.54 -33.85
N GLU B 20 9.45 -26.19 -35.01
CA GLU B 20 9.07 -25.52 -36.25
C GLU B 20 7.54 -25.47 -36.29
N PHE B 21 7.01 -24.41 -36.87
CA PHE B 21 5.58 -24.26 -36.95
C PHE B 21 5.26 -23.31 -38.10
N THR B 22 3.99 -23.32 -38.49
CA THR B 22 3.50 -22.47 -39.57
C THR B 22 2.59 -21.42 -38.94
N PRO B 23 2.90 -20.14 -39.17
CA PRO B 23 2.18 -18.97 -38.66
C PRO B 23 0.76 -18.82 -39.22
N ALA B 24 -0.20 -18.59 -38.33
CA ALA B 24 -1.59 -18.36 -38.72
C ALA B 24 -1.64 -16.90 -39.16
N ASP B 25 -2.54 -16.59 -40.09
CA ASP B 25 -2.70 -15.24 -40.61
C ASP B 25 -3.20 -14.34 -39.49
N PRO B 26 -2.81 -13.06 -39.49
CA PRO B 26 -3.31 -12.23 -38.40
C PRO B 26 -4.83 -12.14 -38.31
N ALA B 27 -5.35 -12.06 -37.11
CA ALA B 27 -6.78 -11.87 -36.94
C ALA B 27 -7.12 -10.47 -37.44
N GLU B 28 -8.37 -10.05 -37.29
CA GLU B 28 -8.79 -8.76 -37.79
C GLU B 28 -8.08 -7.58 -37.15
N ASN B 29 -7.93 -7.65 -35.84
CA ASN B 29 -7.29 -6.55 -35.12
C ASN B 29 -5.78 -6.82 -34.85
N GLU B 30 -5.18 -7.74 -35.59
CA GLU B 30 -3.78 -8.07 -35.40
C GLU B 30 -2.88 -7.74 -36.57
N ILE B 31 -1.58 -7.79 -36.28
CA ILE B 31 -0.56 -7.60 -37.29
C ILE B 31 0.40 -8.76 -37.05
N GLN B 32 1.01 -9.24 -38.13
CA GLN B 32 1.95 -10.32 -38.06
C GLN B 32 3.32 -9.67 -38.21
N VAL B 33 4.23 -10.06 -37.33
CA VAL B 33 5.59 -9.49 -37.30
C VAL B 33 6.69 -10.49 -37.51
N GLU B 34 7.63 -10.15 -38.37
CA GLU B 34 8.79 -11.01 -38.54
C GLU B 34 9.73 -10.42 -37.48
N ASN B 35 9.93 -11.13 -36.37
CA ASN B 35 10.77 -10.62 -35.27
C ASN B 35 12.21 -10.55 -35.66
N LYS B 36 12.88 -9.46 -35.31
CA LYS B 36 14.29 -9.31 -35.62
C LYS B 36 15.15 -9.43 -34.34
N ALA B 37 14.58 -9.06 -33.20
CA ALA B 37 15.27 -9.17 -31.93
C ALA B 37 14.16 -9.40 -30.93
N ILE B 38 14.38 -10.33 -30.01
CA ILE B 38 13.40 -10.72 -29.01
C ILE B 38 13.93 -10.38 -27.61
N GLY B 39 13.05 -9.93 -26.73
CA GLY B 39 13.46 -9.52 -25.40
C GLY B 39 13.39 -10.63 -24.41
N ILE B 40 14.24 -10.57 -23.39
CA ILE B 40 14.24 -11.57 -22.33
C ILE B 40 13.91 -10.78 -21.06
N ASN B 41 12.94 -11.31 -20.33
CA ASN B 41 12.45 -10.66 -19.15
C ASN B 41 12.29 -11.68 -18.08
N PHE B 42 12.66 -11.30 -16.86
CA PHE B 42 12.56 -12.22 -15.74
C PHE B 42 11.20 -12.89 -15.61
N ILE B 43 10.14 -12.17 -15.95
CA ILE B 43 8.81 -12.76 -15.89
C ILE B 43 8.73 -14.05 -16.73
N ASP B 44 9.54 -14.16 -17.78
CA ASP B 44 9.51 -15.37 -18.61
C ASP B 44 9.82 -16.64 -17.79
N THR B 45 10.63 -16.49 -16.76
CA THR B 45 11.01 -17.62 -15.91
C THR B 45 9.88 -17.95 -14.93
N TYR B 46 9.06 -16.95 -14.53
CA TYR B 46 7.96 -17.25 -13.62
C TYR B 46 6.96 -18.12 -14.37
N ILE B 47 6.75 -17.83 -15.65
CA ILE B 47 5.80 -18.59 -16.43
C ILE B 47 6.29 -20.01 -16.69
N ARG B 48 7.57 -20.14 -17.04
CA ARG B 48 8.19 -21.44 -17.29
C ARG B 48 8.24 -22.31 -16.02
N SER B 49 8.57 -21.71 -14.87
CA SER B 49 8.65 -22.46 -13.63
C SER B 49 7.27 -22.80 -13.05
N GLY B 50 6.24 -22.09 -13.51
CA GLY B 50 4.91 -22.38 -13.01
C GLY B 50 4.43 -21.43 -11.94
N LEU B 51 5.27 -20.51 -11.47
CA LEU B 51 4.86 -19.54 -10.46
C LEU B 51 3.65 -18.80 -11.08
N TYR B 52 3.76 -18.43 -12.34
CA TYR B 52 2.67 -17.78 -13.04
C TYR B 52 2.22 -18.81 -14.11
N PRO B 53 1.31 -19.69 -13.73
CA PRO B 53 0.84 -20.72 -14.67
C PRO B 53 0.06 -20.14 -15.84
N PRO B 54 0.40 -20.59 -17.06
CA PRO B 54 -0.24 -20.15 -18.30
C PRO B 54 -1.65 -20.74 -18.47
N PRO B 55 -2.41 -20.25 -19.47
CA PRO B 55 -3.76 -20.70 -19.78
C PRO B 55 -3.75 -22.21 -19.95
N SER B 56 -2.75 -22.72 -20.65
CA SER B 56 -2.65 -24.16 -20.85
C SER B 56 -1.30 -24.54 -21.41
N LEU B 57 -1.00 -25.84 -21.34
CA LEU B 57 0.22 -26.44 -21.86
C LEU B 57 -0.13 -27.30 -23.09
N PRO B 58 0.74 -27.37 -24.10
CA PRO B 58 2.05 -26.72 -24.22
C PRO B 58 1.80 -25.24 -24.32
N SER B 59 2.80 -24.42 -24.05
CA SER B 59 2.65 -22.99 -24.12
C SER B 59 3.89 -22.32 -24.73
N GLY B 60 3.71 -21.19 -25.40
CA GLY B 60 4.84 -20.43 -25.93
C GLY B 60 5.35 -19.51 -24.81
N LEU B 61 6.29 -18.61 -25.10
CA LEU B 61 6.87 -17.72 -24.08
C LEU B 61 7.24 -16.38 -24.65
N GLY B 62 7.34 -15.40 -23.74
CA GLY B 62 7.74 -14.04 -24.12
C GLY B 62 6.64 -13.14 -24.66
N THR B 63 6.73 -11.86 -24.34
CA THR B 63 5.75 -10.90 -24.80
C THR B 63 6.39 -9.66 -25.40
N GLU B 64 7.72 -9.67 -25.60
CA GLU B 64 8.45 -8.51 -26.10
C GLU B 64 9.33 -8.84 -27.29
N ALA B 65 9.29 -8.03 -28.33
CA ALA B 65 10.12 -8.24 -29.52
C ALA B 65 9.97 -7.03 -30.41
N ALA B 66 10.85 -6.90 -31.39
CA ALA B 66 10.84 -5.79 -32.35
C ALA B 66 11.08 -6.40 -33.72
N GLY B 67 10.39 -5.90 -34.72
CA GLY B 67 10.56 -6.45 -36.05
C GLY B 67 9.87 -5.66 -37.14
N ILE B 68 9.62 -6.35 -38.25
CA ILE B 68 8.96 -5.78 -39.43
C ILE B 68 7.59 -6.42 -39.65
N VAL B 69 6.60 -5.58 -39.95
CA VAL B 69 5.22 -6.05 -40.15
C VAL B 69 5.11 -6.75 -41.50
N SER B 70 4.71 -8.01 -41.47
CA SER B 70 4.58 -8.77 -42.69
C SER B 70 3.14 -8.76 -43.24
N LYS B 71 2.16 -8.89 -42.36
CA LYS B 71 0.79 -8.84 -42.83
C LYS B 71 -0.16 -8.28 -41.76
N VAL B 72 -0.94 -7.30 -42.18
CA VAL B 72 -1.87 -6.59 -41.35
C VAL B 72 -3.27 -7.20 -41.38
N GLY B 73 -4.02 -7.10 -40.29
CA GLY B 73 -5.37 -7.62 -40.31
C GLY B 73 -6.35 -6.57 -40.82
N SER B 74 -7.49 -7.00 -41.37
CA SER B 74 -8.51 -6.05 -41.86
C SER B 74 -9.08 -5.45 -40.57
N GLY B 75 -9.03 -4.15 -40.45
CA GLY B 75 -9.51 -3.58 -39.22
C GLY B 75 -8.30 -2.83 -38.72
N VAL B 76 -7.13 -3.38 -38.99
CA VAL B 76 -5.94 -2.70 -38.56
C VAL B 76 -5.70 -1.52 -39.51
N LYS B 77 -5.81 -0.31 -38.97
CA LYS B 77 -5.62 0.87 -39.79
C LYS B 77 -4.40 1.75 -39.46
N HIS B 78 -3.81 1.64 -38.28
CA HIS B 78 -2.67 2.50 -38.04
C HIS B 78 -1.29 1.90 -38.41
N ILE B 79 -1.20 0.58 -38.56
CA ILE B 79 0.09 -0.06 -38.91
C ILE B 79 -0.04 -0.62 -40.32
N LYS B 80 0.99 -0.46 -41.13
CA LYS B 80 1.00 -0.97 -42.51
C LYS B 80 2.10 -2.01 -42.63
N ALA B 81 2.04 -2.82 -43.67
CA ALA B 81 3.06 -3.83 -43.91
C ALA B 81 4.34 -3.06 -44.21
N GLY B 82 5.48 -3.57 -43.73
CA GLY B 82 6.73 -2.89 -43.96
C GLY B 82 7.11 -1.99 -42.79
N ASP B 83 6.16 -1.63 -41.93
CA ASP B 83 6.47 -0.78 -40.76
C ASP B 83 7.36 -1.51 -39.74
N ARG B 84 8.26 -0.75 -39.09
CA ARG B 84 9.07 -1.36 -38.06
C ARG B 84 8.37 -1.10 -36.74
N VAL B 85 8.23 -2.15 -35.94
CA VAL B 85 7.54 -2.02 -34.66
C VAL B 85 8.20 -2.78 -33.47
N VAL B 86 7.79 -2.39 -32.26
CA VAL B 86 8.22 -3.04 -31.02
C VAL B 86 6.92 -3.22 -30.28
N TYR B 87 6.91 -4.19 -29.38
CA TYR B 87 5.79 -4.43 -28.53
C TYR B 87 6.34 -5.07 -27.22
N ALA B 88 5.61 -4.92 -26.12
CA ALA B 88 5.99 -5.48 -24.81
C ALA B 88 4.84 -6.27 -24.25
N GLN B 89 3.66 -6.15 -24.85
CA GLN B 89 2.49 -6.81 -24.30
C GLN B 89 1.77 -7.80 -25.18
N SER B 90 2.51 -8.56 -25.98
CA SER B 90 1.85 -9.53 -26.82
C SER B 90 1.33 -10.69 -26.00
N ALA B 91 0.56 -11.54 -26.65
CA ALA B 91 0.11 -12.77 -26.03
C ALA B 91 1.39 -13.64 -25.95
N LEU B 92 1.38 -14.60 -25.05
CA LEU B 92 2.54 -15.46 -24.87
C LEU B 92 3.03 -16.01 -26.20
N GLY B 93 4.33 -15.86 -26.51
CA GLY B 93 4.82 -16.46 -27.74
C GLY B 93 5.80 -15.65 -28.48
N ALA B 94 6.25 -14.51 -27.95
CA ALA B 94 7.22 -13.68 -28.69
C ALA B 94 8.56 -14.41 -28.97
N TYR B 95 8.87 -15.44 -28.19
CA TYR B 95 10.09 -16.25 -28.42
C TYR B 95 9.79 -17.00 -29.71
N SER B 96 9.87 -16.31 -30.85
CA SER B 96 9.54 -16.90 -32.14
C SER B 96 10.03 -15.96 -33.21
N SER B 97 10.23 -16.50 -34.42
CA SER B 97 10.67 -15.71 -35.57
C SER B 97 9.52 -14.91 -36.22
N VAL B 98 8.28 -15.36 -36.02
CA VAL B 98 7.08 -14.71 -36.55
C VAL B 98 6.05 -14.81 -35.46
N HIS B 99 5.37 -13.70 -35.18
CA HIS B 99 4.32 -13.70 -34.13
C HIS B 99 3.16 -12.78 -34.50
N ASN B 100 1.94 -13.11 -34.05
CA ASN B 100 0.79 -12.27 -34.33
C ASN B 100 0.52 -11.49 -33.06
N ILE B 101 0.32 -10.19 -33.20
CA ILE B 101 0.10 -9.32 -32.05
C ILE B 101 -1.12 -8.41 -32.26
N ILE B 102 -1.89 -8.18 -31.20
CA ILE B 102 -3.01 -7.25 -31.30
C ILE B 102 -2.43 -5.86 -31.55
N ALA B 103 -2.70 -5.32 -32.74
CA ALA B 103 -2.18 -4.03 -33.17
C ALA B 103 -2.14 -2.86 -32.21
N ASP B 104 -3.04 -2.84 -31.24
CA ASP B 104 -3.06 -1.74 -30.27
C ASP B 104 -1.89 -1.75 -29.29
N LYS B 105 -1.25 -2.91 -29.19
CA LYS B 105 -0.12 -3.16 -28.32
C LYS B 105 1.21 -2.81 -28.97
N ALA B 106 1.22 -2.56 -30.28
CA ALA B 106 2.48 -2.23 -30.96
C ALA B 106 2.71 -0.77 -31.14
N ALA B 107 3.95 -0.33 -31.13
CA ALA B 107 4.26 1.06 -31.36
C ALA B 107 5.26 1.11 -32.53
N ILE B 108 5.11 2.11 -33.38
CA ILE B 108 6.00 2.29 -34.51
C ILE B 108 7.36 2.65 -33.89
N LEU B 109 8.41 2.03 -34.44
CA LEU B 109 9.77 2.23 -33.97
C LEU B 109 10.46 3.18 -34.90
N PRO B 110 10.77 4.39 -34.44
CA PRO B 110 11.46 5.35 -35.35
C PRO B 110 12.78 4.80 -35.88
N ALA B 111 13.12 5.19 -37.09
CA ALA B 111 14.30 4.70 -37.80
C ALA B 111 15.65 4.78 -37.08
N ALA B 112 15.87 5.83 -36.33
CA ALA B 112 17.13 5.97 -35.63
C ALA B 112 17.28 4.92 -34.54
N ILE B 113 16.26 4.13 -34.23
CA ILE B 113 16.41 3.15 -33.18
C ILE B 113 16.43 1.74 -33.75
N SER B 114 17.53 1.02 -33.48
CA SER B 114 17.69 -0.33 -34.02
C SER B 114 16.80 -1.34 -33.34
N PHE B 115 16.57 -2.47 -34.00
CA PHE B 115 15.74 -3.53 -33.42
C PHE B 115 16.31 -4.08 -32.09
N GLU B 116 17.62 -4.26 -32.03
CA GLU B 116 18.28 -4.76 -30.80
C GLU B 116 18.09 -3.81 -29.65
N GLN B 117 18.23 -2.51 -29.91
CA GLN B 117 18.04 -1.48 -28.90
C GLN B 117 16.62 -1.54 -28.39
N ALA B 118 15.67 -1.65 -29.31
CA ALA B 118 14.25 -1.71 -28.95
C ALA B 118 13.91 -2.94 -28.09
N ALA B 119 14.35 -4.13 -28.50
CA ALA B 119 14.00 -5.30 -27.74
C ALA B 119 14.78 -5.38 -26.45
N ALA B 120 15.80 -4.56 -26.33
CA ALA B 120 16.61 -4.51 -25.10
C ALA B 120 15.94 -3.63 -24.02
N SER B 121 15.12 -2.67 -24.47
CA SER B 121 14.54 -1.71 -23.57
C SER B 121 13.06 -1.39 -23.54
N PHE B 122 12.21 -2.02 -24.38
CA PHE B 122 10.79 -1.64 -24.40
C PHE B 122 10.01 -1.98 -23.15
N LEU B 123 9.84 -3.26 -22.86
CA LEU B 123 9.13 -3.66 -21.64
C LEU B 123 9.83 -3.03 -20.43
N LYS B 124 11.15 -3.14 -20.35
CA LYS B 124 11.87 -2.58 -19.20
C LYS B 124 11.82 -1.07 -19.09
N GLY B 125 11.90 -0.36 -20.21
CA GLY B 125 11.85 1.09 -20.19
C GLY B 125 10.45 1.60 -19.83
N LEU B 126 9.41 0.91 -20.32
CA LEU B 126 8.04 1.27 -20.01
C LEU B 126 7.85 1.11 -18.51
N THR B 127 8.45 0.06 -17.96
CA THR B 127 8.38 -0.20 -16.52
C THR B 127 9.03 0.96 -15.72
N VAL B 128 10.26 1.31 -16.07
CA VAL B 128 10.93 2.38 -15.34
C VAL B 128 10.09 3.68 -15.43
N TYR B 129 9.49 3.94 -16.61
CA TYR B 129 8.68 5.14 -16.83
C TYR B 129 7.51 5.15 -15.81
N TYR B 130 6.71 4.09 -15.76
CA TYR B 130 5.61 4.15 -14.84
C TYR B 130 6.02 4.16 -13.37
N LEU B 131 7.11 3.48 -13.04
CA LEU B 131 7.55 3.43 -11.66
C LEU B 131 8.01 4.77 -11.12
N LEU B 132 8.74 5.51 -11.94
CA LEU B 132 9.31 6.77 -11.51
C LEU B 132 8.48 8.01 -11.78
N ARG B 133 7.48 7.83 -12.64
CA ARG B 133 6.61 8.93 -13.06
C ARG B 133 5.16 8.75 -12.57
N LYS B 134 4.65 7.53 -12.47
CA LYS B 134 3.26 7.33 -12.05
C LYS B 134 3.05 6.68 -10.68
N THR B 135 3.69 5.54 -10.40
CA THR B 135 3.47 4.88 -9.15
C THR B 135 3.84 5.85 -8.03
N TYR B 136 4.87 6.64 -8.26
CA TYR B 136 5.33 7.61 -7.31
C TYR B 136 6.11 8.53 -8.17
N GLU B 137 5.96 9.83 -7.97
CA GLU B 137 6.70 10.77 -8.79
C GLU B 137 7.98 11.27 -8.13
N ILE B 138 9.10 10.70 -8.56
CA ILE B 138 10.44 11.04 -8.07
C ILE B 138 10.77 12.50 -8.41
N LYS B 139 11.29 13.24 -7.43
CA LYS B 139 11.63 14.65 -7.65
C LYS B 139 13.15 14.89 -7.77
N PRO B 140 13.57 16.02 -8.34
CA PRO B 140 15.01 16.34 -8.48
C PRO B 140 15.60 16.33 -7.10
N ASP B 141 16.84 15.86 -6.99
CA ASP B 141 17.53 15.77 -5.71
C ASP B 141 16.98 14.76 -4.75
N GLU B 142 15.96 14.01 -5.12
CA GLU B 142 15.41 13.04 -4.21
C GLU B 142 16.23 11.74 -4.08
N GLN B 143 16.48 11.35 -2.83
CA GLN B 143 17.21 10.13 -2.53
C GLN B 143 16.19 9.01 -2.41
N PHE B 144 16.41 7.88 -3.06
CA PHE B 144 15.48 6.77 -2.95
C PHE B 144 16.25 5.49 -3.20
N LEU B 145 15.69 4.35 -2.80
CA LEU B 145 16.32 3.06 -2.95
C LEU B 145 15.71 2.26 -4.09
N PHE B 146 16.57 1.67 -4.92
CA PHE B 146 16.16 0.86 -6.05
C PHE B 146 17.04 -0.41 -6.08
N HIS B 147 16.43 -1.58 -5.84
CA HIS B 147 17.13 -2.85 -5.82
C HIS B 147 17.55 -3.44 -7.18
N ALA B 148 18.61 -4.26 -7.17
CA ALA B 148 19.16 -4.95 -8.35
C ALA B 148 19.42 -3.92 -9.43
N ALA B 149 20.12 -2.87 -9.04
CA ALA B 149 20.39 -1.77 -9.96
C ALA B 149 21.27 -2.04 -11.18
N ALA B 150 21.91 -3.20 -11.26
CA ALA B 150 22.72 -3.48 -12.46
C ALA B 150 21.97 -4.44 -13.41
N GLY B 151 20.72 -4.80 -13.08
CA GLY B 151 19.95 -5.69 -13.96
C GLY B 151 19.38 -4.98 -15.19
N GLY B 152 18.48 -5.66 -15.93
CA GLY B 152 17.85 -5.06 -17.12
C GLY B 152 17.11 -3.76 -16.80
N VAL B 153 16.13 -3.86 -15.91
CA VAL B 153 15.36 -2.70 -15.47
C VAL B 153 16.31 -1.75 -14.72
N GLY B 154 17.13 -2.34 -13.82
CA GLY B 154 18.05 -1.55 -13.02
C GLY B 154 18.93 -0.57 -13.77
N LEU B 155 19.63 -1.02 -14.80
CA LEU B 155 20.50 -0.09 -15.51
C LEU B 155 19.72 1.01 -16.23
N ILE B 156 18.51 0.72 -16.69
CA ILE B 156 17.73 1.76 -17.32
C ILE B 156 17.30 2.77 -16.20
N ALA B 157 16.92 2.27 -15.02
CA ALA B 157 16.51 3.11 -13.88
C ALA B 157 17.62 4.07 -13.43
N CYS B 158 18.85 3.57 -13.35
CA CYS B 158 20.02 4.39 -12.98
C CYS B 158 20.14 5.56 -13.94
N GLN B 159 19.97 5.29 -15.24
CA GLN B 159 20.09 6.35 -16.26
C GLN B 159 18.95 7.40 -16.25
N TRP B 160 17.72 6.91 -16.13
CA TRP B 160 16.58 7.77 -16.09
C TRP B 160 16.61 8.62 -14.80
N ALA B 161 16.86 8.01 -13.63
CA ALA B 161 16.98 8.74 -12.36
C ALA B 161 17.99 9.90 -12.52
N LYS B 162 19.16 9.58 -13.09
CA LYS B 162 20.17 10.58 -13.34
C LYS B 162 19.59 11.69 -14.22
N ALA B 163 18.90 11.32 -15.30
CA ALA B 163 18.29 12.31 -16.18
C ALA B 163 17.25 13.15 -15.43
N LEU B 164 16.63 12.59 -14.40
CA LEU B 164 15.65 13.33 -13.62
C LEU B 164 16.32 14.21 -12.57
N GLY B 165 17.63 14.11 -12.41
CA GLY B 165 18.32 14.88 -11.41
C GLY B 165 18.09 14.24 -10.05
N ALA B 166 17.62 13.00 -9.99
CA ALA B 166 17.37 12.39 -8.69
C ALA B 166 18.61 11.63 -8.21
N LYS B 167 18.56 11.11 -6.99
CA LYS B 167 19.67 10.36 -6.42
C LYS B 167 19.31 8.91 -6.11
N LEU B 168 19.50 8.01 -7.07
CA LEU B 168 19.19 6.60 -6.87
C LEU B 168 20.28 5.93 -6.04
N ILE B 169 19.86 5.21 -5.01
CA ILE B 169 20.78 4.48 -4.17
C ILE B 169 20.45 3.04 -4.59
N GLY B 170 21.38 2.38 -5.29
CA GLY B 170 21.14 1.01 -5.74
C GLY B 170 21.73 -0.08 -4.90
N THR B 171 21.15 -1.28 -5.00
CA THR B 171 21.72 -2.44 -4.30
C THR B 171 22.10 -3.41 -5.45
N VAL B 172 23.27 -4.05 -5.32
CA VAL B 172 23.78 -4.98 -6.31
C VAL B 172 24.39 -6.16 -5.55
N GLY B 173 24.58 -7.29 -6.23
CA GLY B 173 25.16 -8.44 -5.57
C GLY B 173 26.70 -8.57 -5.59
N THR B 174 27.40 -7.82 -6.44
CA THR B 174 28.87 -7.91 -6.55
C THR B 174 29.52 -6.53 -6.73
N ALA B 175 30.82 -6.44 -6.47
CA ALA B 175 31.53 -5.15 -6.64
C ALA B 175 31.57 -4.72 -8.10
N GLN B 176 31.61 -5.68 -9.01
CA GLN B 176 31.61 -5.38 -10.45
C GLN B 176 30.26 -4.74 -10.85
N LYS B 177 29.16 -5.28 -10.33
CA LYS B 177 27.84 -4.69 -10.64
C LYS B 177 27.76 -3.26 -10.06
N ALA B 178 28.38 -3.02 -8.91
CA ALA B 178 28.37 -1.69 -8.32
C ALA B 178 29.04 -0.67 -9.21
N GLN B 179 30.12 -1.05 -9.89
CA GLN B 179 30.80 -0.10 -10.77
C GLN B 179 29.89 0.24 -11.94
N SER B 180 29.23 -0.78 -12.50
CA SER B 180 28.32 -0.63 -13.64
C SER B 180 27.18 0.33 -13.30
N ALA B 181 26.56 0.13 -12.14
CA ALA B 181 25.47 0.98 -11.67
C ALA B 181 25.95 2.39 -11.49
N LEU B 182 27.09 2.60 -10.83
CA LEU B 182 27.61 3.95 -10.63
C LEU B 182 27.91 4.60 -11.97
N LYS B 183 28.45 3.85 -12.94
CA LYS B 183 28.71 4.44 -14.25
C LYS B 183 27.40 4.80 -14.92
N ALA B 184 26.38 3.94 -14.78
CA ALA B 184 25.08 4.21 -15.43
C ALA B 184 24.40 5.43 -14.79
N GLY B 185 24.68 5.70 -13.50
CA GLY B 185 24.09 6.87 -12.91
C GLY B 185 23.60 6.77 -11.50
N ALA B 186 23.75 5.61 -10.85
CA ALA B 186 23.36 5.48 -9.44
C ALA B 186 24.17 6.49 -8.62
N TRP B 187 23.53 7.14 -7.68
CA TRP B 187 24.25 8.11 -6.85
C TRP B 187 25.26 7.36 -5.95
N GLN B 188 24.79 6.33 -5.24
CA GLN B 188 25.63 5.50 -4.40
C GLN B 188 25.05 4.11 -4.52
N VAL B 189 25.84 3.08 -4.23
CA VAL B 189 25.41 1.69 -4.35
C VAL B 189 25.76 0.88 -3.09
N ILE B 190 24.92 -0.08 -2.74
CA ILE B 190 25.18 -0.91 -1.57
C ILE B 190 25.27 -2.36 -2.05
N ASN B 191 26.30 -3.06 -1.63
CA ASN B 191 26.40 -4.45 -2.00
C ASN B 191 25.60 -5.18 -0.93
N TYR B 192 24.36 -5.56 -1.25
CA TYR B 192 23.54 -6.22 -0.26
C TYR B 192 23.87 -7.66 0.04
N ARG B 193 24.92 -8.19 -0.59
CA ARG B 193 25.33 -9.54 -0.25
C ARG B 193 26.47 -9.46 0.78
N GLU B 194 27.20 -8.37 0.81
CA GLU B 194 28.28 -8.25 1.76
C GLU B 194 28.01 -7.22 2.87
N GLU B 195 27.19 -6.20 2.61
CA GLU B 195 26.95 -5.18 3.62
C GLU B 195 25.60 -5.27 4.32
N ASP B 196 25.46 -4.52 5.40
CA ASP B 196 24.22 -4.46 6.15
C ASP B 196 23.45 -3.35 5.47
N LEU B 197 22.47 -3.75 4.65
CA LEU B 197 21.67 -2.81 3.88
C LEU B 197 21.06 -1.69 4.71
N VAL B 198 20.39 -2.05 5.81
CA VAL B 198 19.75 -1.01 6.59
C VAL B 198 20.71 0.02 7.17
N GLU B 199 21.79 -0.45 7.80
CA GLU B 199 22.77 0.45 8.39
C GLU B 199 23.46 1.30 7.36
N ARG B 200 23.75 0.71 6.19
CA ARG B 200 24.39 1.47 5.11
C ARG B 200 23.43 2.52 4.59
N LEU B 201 22.15 2.16 4.45
CA LEU B 201 21.15 3.12 3.98
C LEU B 201 21.05 4.34 4.94
N LYS B 202 20.97 4.06 6.24
CA LYS B 202 20.90 5.16 7.18
C LYS B 202 22.15 6.02 7.07
N GLU B 203 23.31 5.37 6.95
CA GLU B 203 24.57 6.11 6.79
C GLU B 203 24.49 7.03 5.61
N ILE B 204 24.20 6.46 4.44
CA ILE B 204 24.13 7.25 3.23
C ILE B 204 23.15 8.38 3.37
N THR B 205 22.03 8.13 4.02
CA THR B 205 21.01 9.20 4.13
C THR B 205 21.19 10.08 5.38
N GLY B 206 22.23 9.80 6.16
CA GLY B 206 22.49 10.60 7.33
C GLY B 206 21.36 10.45 8.30
N GLY B 207 20.82 9.25 8.40
CA GLY B 207 19.74 9.00 9.34
C GLY B 207 18.34 9.32 8.89
N LYS B 208 18.18 10.12 7.84
CA LYS B 208 16.86 10.46 7.34
C LYS B 208 16.03 9.33 6.70
N LYS B 209 16.69 8.35 6.07
CA LYS B 209 16.03 7.24 5.37
C LYS B 209 15.34 7.78 4.10
N VAL B 210 14.54 6.96 3.43
CA VAL B 210 13.92 7.43 2.18
C VAL B 210 12.40 7.37 2.21
N ARG B 211 11.77 8.09 1.29
CA ARG B 211 10.33 8.14 1.19
C ARG B 211 9.77 7.03 0.31
N VAL B 212 10.60 6.49 -0.58
CA VAL B 212 10.19 5.39 -1.46
C VAL B 212 11.28 4.33 -1.68
N VAL B 213 10.87 3.04 -1.69
CA VAL B 213 11.79 1.95 -1.98
C VAL B 213 11.20 1.15 -3.14
N TYR B 214 11.95 0.98 -4.23
CA TYR B 214 11.49 0.15 -5.38
C TYR B 214 12.23 -1.18 -5.20
N ASP B 215 11.48 -2.26 -5.02
CA ASP B 215 12.07 -3.57 -4.76
C ASP B 215 11.54 -4.71 -5.63
N SER B 216 12.40 -5.18 -6.55
CA SER B 216 12.04 -6.29 -7.46
C SER B 216 12.54 -7.61 -6.97
N VAL B 217 13.30 -7.62 -5.87
CA VAL B 217 13.81 -8.89 -5.41
C VAL B 217 12.86 -9.75 -4.62
N GLY B 218 11.92 -9.13 -3.91
CA GLY B 218 10.91 -9.88 -3.19
C GLY B 218 11.25 -10.46 -1.84
N ARG B 219 11.09 -11.78 -1.73
CA ARG B 219 11.33 -12.56 -0.54
C ARG B 219 12.54 -12.15 0.29
N ASP B 220 13.73 -12.19 -0.29
CA ASP B 220 14.94 -11.90 0.50
C ASP B 220 15.07 -10.56 1.14
N THR B 221 14.50 -9.54 0.52
CA THR B 221 14.68 -8.21 1.02
C THR B 221 13.48 -7.55 1.64
N TRP B 222 12.39 -8.27 1.77
CA TRP B 222 11.16 -7.67 2.31
C TRP B 222 11.31 -6.86 3.61
N GLU B 223 11.77 -7.51 4.67
CA GLU B 223 11.88 -6.84 5.97
C GLU B 223 12.92 -5.74 5.94
N ARG B 224 14.04 -5.98 5.26
CA ARG B 224 15.02 -4.94 5.20
C ARG B 224 14.53 -3.69 4.49
N SER B 225 13.77 -3.86 3.40
CA SER B 225 13.26 -2.71 2.61
C SER B 225 12.32 -1.84 3.47
N LEU B 226 11.45 -2.49 4.26
CA LEU B 226 10.52 -1.79 5.15
C LEU B 226 11.26 -0.98 6.20
N ASP B 227 12.39 -1.51 6.67
CA ASP B 227 13.21 -0.83 7.65
C ASP B 227 13.93 0.33 7.08
N CYS B 228 13.92 0.49 5.75
CA CYS B 228 14.60 1.63 5.15
C CYS B 228 13.69 2.82 4.89
N LEU B 229 12.43 2.71 5.32
CA LEU B 229 11.47 3.76 5.00
C LEU B 229 11.10 4.74 6.07
N GLN B 230 10.89 5.97 5.66
CA GLN B 230 10.41 7.00 6.57
C GLN B 230 8.92 6.69 6.92
N ARG B 231 8.42 7.39 7.93
CA ARG B 231 7.04 7.26 8.35
C ARG B 231 6.16 7.62 7.13
N ARG B 232 5.14 6.79 6.88
CA ARG B 232 4.21 6.96 5.77
C ARG B 232 4.87 6.84 4.39
N GLY B 233 6.02 6.18 4.30
CA GLY B 233 6.66 6.05 3.01
C GLY B 233 5.98 4.94 2.21
N LEU B 234 6.42 4.76 0.98
CA LEU B 234 5.86 3.79 0.07
C LEU B 234 6.83 2.65 -0.29
N MET B 235 6.37 1.42 -0.13
CA MET B 235 7.13 0.24 -0.50
C MET B 235 6.54 -0.26 -1.82
N VAL B 236 7.31 -0.19 -2.90
CA VAL B 236 6.86 -0.67 -4.21
C VAL B 236 7.46 -2.06 -4.50
N SER B 237 6.69 -3.11 -4.26
CA SER B 237 7.14 -4.48 -4.51
C SER B 237 6.74 -4.81 -5.96
N PHE B 238 7.69 -4.76 -6.88
CA PHE B 238 7.36 -5.02 -8.25
C PHE B 238 8.07 -6.19 -8.90
N GLY B 239 8.59 -7.13 -8.11
CA GLY B 239 9.25 -8.29 -8.72
C GLY B 239 9.34 -9.42 -7.74
N ASN B 240 9.68 -10.63 -8.19
CA ASN B 240 9.81 -11.77 -7.29
C ASN B 240 11.12 -12.48 -7.61
N SER B 241 12.20 -11.75 -7.86
CA SER B 241 13.43 -12.41 -8.29
C SER B 241 13.92 -13.58 -7.42
N SER B 242 13.87 -13.38 -6.11
CA SER B 242 14.26 -14.40 -5.16
C SER B 242 13.05 -15.08 -4.56
N GLY B 243 11.86 -14.88 -5.15
CA GLY B 243 10.66 -15.49 -4.61
C GLY B 243 9.58 -14.45 -4.31
N ALA B 244 8.33 -14.87 -4.33
CA ALA B 244 7.24 -13.94 -4.04
C ALA B 244 7.24 -13.57 -2.54
N VAL B 245 6.69 -12.41 -2.19
CA VAL B 245 6.58 -12.10 -0.78
C VAL B 245 5.20 -12.56 -0.28
N THR B 246 5.23 -13.63 0.49
CA THR B 246 4.05 -14.28 1.02
C THR B 246 4.01 -14.29 2.55
N GLY B 247 2.88 -14.71 3.09
CA GLY B 247 2.75 -14.80 4.53
C GLY B 247 2.84 -13.51 5.28
N VAL B 248 2.54 -12.37 4.65
CA VAL B 248 2.60 -11.12 5.39
C VAL B 248 1.36 -10.82 6.29
N ASN B 249 1.66 -10.23 7.45
CA ASN B 249 0.67 -9.85 8.44
C ASN B 249 0.63 -8.35 8.25
N LEU B 250 -0.53 -7.77 7.91
CA LEU B 250 -0.59 -6.32 7.69
C LEU B 250 -0.16 -5.47 8.84
N GLY B 251 -0.20 -5.99 10.07
CA GLY B 251 0.26 -5.19 11.20
C GLY B 251 1.71 -4.70 11.04
N ILE B 252 2.49 -5.37 10.21
CA ILE B 252 3.85 -4.93 10.01
C ILE B 252 3.94 -3.52 9.42
N LEU B 253 2.98 -3.14 8.57
CA LEU B 253 3.01 -1.82 7.95
C LEU B 253 2.72 -0.72 8.97
N ASN B 254 2.01 -1.08 10.03
CA ASN B 254 1.68 -0.16 11.12
C ASN B 254 2.95 0.01 11.96
N GLN B 255 3.39 -1.14 12.43
CA GLN B 255 4.60 -1.30 13.24
C GLN B 255 5.78 -0.59 12.64
N LYS B 256 5.97 -0.68 11.33
CA LYS B 256 7.10 0.00 10.68
C LYS B 256 6.85 1.45 10.34
N GLY B 257 5.72 2.03 10.72
CA GLY B 257 5.57 3.44 10.41
C GLY B 257 4.40 3.89 9.56
N SER B 258 3.27 3.19 9.64
CA SER B 258 2.06 3.52 8.85
C SER B 258 2.43 3.59 7.38
N LEU B 259 3.05 2.52 6.89
CA LEU B 259 3.53 2.52 5.53
C LEU B 259 2.47 2.15 4.53
N TYR B 260 2.78 2.46 3.27
CA TYR B 260 1.94 2.11 2.13
C TYR B 260 2.74 1.08 1.34
N VAL B 261 2.05 0.13 0.73
CA VAL B 261 2.71 -0.81 -0.11
C VAL B 261 1.86 -1.02 -1.36
N THR B 262 2.50 -1.26 -2.50
CA THR B 262 1.77 -1.56 -3.72
C THR B 262 2.52 -2.64 -4.48
N ARG B 263 1.79 -3.44 -5.23
CA ARG B 263 2.41 -4.48 -6.04
C ARG B 263 1.88 -4.25 -7.47
N PRO B 264 2.56 -3.40 -8.23
CA PRO B 264 2.09 -3.12 -9.58
C PRO B 264 2.61 -4.04 -10.68
N SER B 265 2.01 -3.92 -11.86
CA SER B 265 2.44 -4.68 -13.03
C SER B 265 2.22 -3.72 -14.16
N LEU B 266 2.94 -3.93 -15.26
CA LEU B 266 2.85 -3.07 -16.43
C LEU B 266 1.40 -2.97 -16.92
N GLN B 267 0.68 -4.08 -16.88
CA GLN B 267 -0.71 -4.11 -17.35
C GLN B 267 -1.66 -3.28 -16.50
N GLY B 268 -1.21 -2.90 -15.29
CA GLY B 268 -2.01 -2.07 -14.43
C GLY B 268 -1.79 -0.61 -14.80
N TYR B 269 -0.71 -0.31 -15.53
CA TYR B 269 -0.39 1.08 -15.92
C TYR B 269 -0.47 1.46 -17.40
N ILE B 270 -0.09 0.55 -18.28
CA ILE B 270 -0.11 0.85 -19.71
C ILE B 270 -1.27 -0.01 -20.18
N THR B 271 -2.46 0.59 -20.19
CA THR B 271 -3.70 -0.09 -20.53
C THR B 271 -4.32 0.27 -21.87
N THR B 272 -4.02 1.46 -22.38
CA THR B 272 -4.60 1.86 -23.65
C THR B 272 -3.52 2.32 -24.65
N ARG B 273 -3.90 2.41 -25.93
CA ARG B 273 -2.99 2.86 -26.98
C ARG B 273 -2.47 4.24 -26.65
N GLU B 274 -3.33 5.05 -26.04
CA GLU B 274 -2.94 6.41 -25.67
C GLU B 274 -1.85 6.42 -24.55
N GLU B 275 -2.01 5.52 -23.58
CA GLU B 275 -1.05 5.42 -22.50
C GLU B 275 0.28 4.89 -23.07
N LEU B 276 0.20 3.92 -23.98
CA LEU B 276 1.37 3.34 -24.61
C LEU B 276 2.15 4.37 -25.42
N THR B 277 1.45 5.25 -26.13
CA THR B 277 2.07 6.27 -26.96
C THR B 277 2.75 7.35 -26.15
N GLU B 278 2.14 7.68 -25.01
CA GLU B 278 2.68 8.67 -24.10
C GLU B 278 4.05 8.15 -23.60
N ALA B 279 4.03 6.96 -23.02
CA ALA B 279 5.22 6.33 -22.47
C ALA B 279 6.30 6.09 -23.50
N SER B 280 5.93 5.41 -24.58
CA SER B 280 6.88 5.10 -25.63
C SER B 280 7.51 6.33 -26.26
N ASN B 281 6.75 7.42 -26.42
CA ASN B 281 7.37 8.64 -26.97
C ASN B 281 8.44 9.19 -26.02
N GLU B 282 8.18 9.12 -24.71
CA GLU B 282 9.16 9.60 -23.74
C GLU B 282 10.41 8.67 -23.77
N LEU B 283 10.21 7.36 -23.86
CA LEU B 283 11.35 6.45 -23.90
C LEU B 283 12.17 6.62 -25.18
N PHE B 284 11.49 6.65 -26.32
CA PHE B 284 12.18 6.80 -27.60
C PHE B 284 13.03 8.05 -27.66
N SER B 285 12.56 9.16 -27.11
CA SER B 285 13.36 10.37 -27.15
C SER B 285 14.65 10.24 -26.32
N LEU B 286 14.54 9.59 -25.16
CA LEU B 286 15.68 9.41 -24.26
C LEU B 286 16.74 8.51 -24.90
N ILE B 287 16.28 7.46 -25.58
CA ILE B 287 17.21 6.59 -26.25
C ILE B 287 17.84 7.32 -27.45
N ALA B 288 17.01 7.98 -28.24
CA ALA B 288 17.52 8.69 -29.42
C ALA B 288 18.53 9.75 -29.04
N SER B 289 18.33 10.43 -27.91
CA SER B 289 19.26 11.47 -27.51
C SER B 289 20.50 10.95 -26.79
N GLY B 290 20.53 9.65 -26.50
CA GLY B 290 21.67 9.08 -25.82
C GLY B 290 21.63 9.22 -24.33
N VAL B 291 20.51 9.67 -23.76
CA VAL B 291 20.41 9.83 -22.30
C VAL B 291 20.33 8.47 -21.64
N ILE B 292 19.72 7.53 -22.36
CA ILE B 292 19.57 6.16 -21.95
C ILE B 292 20.23 5.27 -22.99
N LYS B 293 21.33 4.63 -22.60
CA LYS B 293 22.06 3.73 -23.47
C LYS B 293 21.57 2.35 -23.12
N VAL B 294 21.30 1.56 -24.16
CA VAL B 294 20.79 0.20 -24.00
C VAL B 294 21.45 -0.82 -24.93
N ASP B 295 22.72 -0.62 -25.23
CA ASP B 295 23.44 -1.54 -26.07
C ASP B 295 23.78 -2.84 -25.29
N VAL B 296 23.41 -3.99 -25.83
CA VAL B 296 23.62 -5.24 -25.11
C VAL B 296 25.00 -5.87 -25.33
N ALA B 297 25.58 -6.40 -24.25
CA ALA B 297 26.87 -7.08 -24.28
C ALA B 297 26.70 -8.24 -25.26
N GLU B 298 27.70 -8.45 -26.13
CA GLU B 298 27.66 -9.51 -27.12
C GLU B 298 27.48 -10.88 -26.54
N GLN B 299 27.96 -11.12 -25.32
CA GLN B 299 27.72 -12.44 -24.73
C GLN B 299 26.31 -12.60 -24.22
N GLN B 300 25.51 -11.54 -24.21
CA GLN B 300 24.13 -11.64 -23.75
C GLN B 300 23.12 -11.68 -24.93
N LYS B 301 23.62 -11.99 -26.13
CA LYS B 301 22.82 -12.12 -27.33
C LYS B 301 22.91 -13.59 -27.63
N TYR B 302 21.77 -14.28 -27.62
CA TYR B 302 21.75 -15.70 -27.88
C TYR B 302 20.88 -16.02 -29.08
N PRO B 303 21.15 -17.15 -29.76
CA PRO B 303 20.34 -17.56 -30.92
C PRO B 303 19.01 -17.96 -30.29
N LEU B 304 17.92 -17.83 -31.02
CA LEU B 304 16.62 -18.21 -30.50
C LEU B 304 16.61 -19.65 -29.95
N LYS B 305 17.19 -20.59 -30.68
CA LYS B 305 17.20 -21.99 -30.24
C LYS B 305 17.90 -22.19 -28.89
N ASP B 306 18.75 -21.24 -28.49
CA ASP B 306 19.45 -21.27 -27.23
C ASP B 306 18.71 -20.65 -26.04
N ALA B 307 17.38 -20.61 -26.11
CA ALA B 307 16.59 -20.03 -25.04
C ALA B 307 16.95 -20.66 -23.69
N GLN B 308 17.25 -21.95 -23.70
CA GLN B 308 17.58 -22.66 -22.49
C GLN B 308 18.79 -22.06 -21.78
N ARG B 309 19.85 -21.79 -22.53
CA ARG B 309 21.06 -21.24 -21.97
C ARG B 309 20.79 -19.86 -21.41
N ALA B 310 20.10 -19.04 -22.21
CA ALA B 310 19.78 -17.67 -21.80
C ALA B 310 19.09 -17.66 -20.42
N HIS B 311 18.12 -18.56 -20.24
CA HIS B 311 17.43 -18.63 -18.96
C HIS B 311 18.35 -19.05 -17.79
N GLU B 312 19.20 -20.06 -18.04
CA GLU B 312 20.15 -20.56 -17.05
C GLU B 312 20.99 -19.42 -16.57
N ILE B 313 21.58 -18.72 -17.53
CA ILE B 313 22.46 -17.62 -17.25
C ILE B 313 21.75 -16.48 -16.52
N LEU B 314 20.51 -16.17 -16.91
CA LEU B 314 19.74 -15.11 -16.28
C LEU B 314 19.49 -15.44 -14.82
N GLU B 315 19.12 -16.69 -14.56
CA GLU B 315 18.84 -17.12 -13.20
C GLU B 315 20.03 -17.28 -12.29
N SER B 316 21.22 -17.39 -12.88
CA SER B 316 22.47 -17.56 -12.13
C SER B 316 22.96 -16.23 -11.59
N ARG B 317 22.33 -15.12 -12.00
CA ARG B 317 22.69 -13.76 -11.58
C ARG B 317 23.97 -13.24 -12.25
N ALA B 318 24.44 -13.95 -13.25
CA ALA B 318 25.66 -13.50 -13.90
C ALA B 318 25.46 -12.46 -14.99
N THR B 319 24.31 -11.80 -15.09
CA THR B 319 24.17 -10.83 -16.18
C THR B 319 24.11 -9.43 -15.65
N GLN B 320 24.34 -8.47 -16.54
CA GLN B 320 24.20 -7.06 -16.24
C GLN B 320 23.45 -6.47 -17.45
N GLY B 321 22.50 -5.57 -17.22
CA GLY B 321 21.77 -4.99 -18.34
C GLY B 321 20.89 -6.03 -18.97
N SER B 322 20.52 -5.79 -20.20
CA SER B 322 19.61 -6.69 -20.93
C SER B 322 20.24 -7.82 -21.75
N SER B 323 19.43 -8.84 -22.05
CA SER B 323 19.81 -9.96 -22.88
C SER B 323 18.83 -9.99 -24.05
N LEU B 324 19.26 -10.58 -25.17
CA LEU B 324 18.41 -10.68 -26.34
C LEU B 324 18.45 -12.07 -26.94
N LEU B 325 17.34 -12.48 -27.55
CA LEU B 325 17.32 -13.74 -28.30
C LEU B 325 17.23 -13.27 -29.77
N ILE B 326 18.09 -13.78 -30.64
CA ILE B 326 18.06 -13.42 -32.05
C ILE B 326 17.58 -14.60 -32.87
N PRO B 327 16.48 -14.42 -33.62
CA PRO B 327 15.93 -15.49 -34.45
C PRO B 327 16.70 -15.62 -35.76
#